data_7W5J
#
_entry.id   7W5J
#
_cell.length_a   54.528
_cell.length_b   98.506
_cell.length_c   72.479
_cell.angle_alpha   90.000
_cell.angle_beta   94.480
_cell.angle_gamma   90.000
#
_symmetry.space_group_name_H-M   'P 1 21 1'
#
loop_
_entity.id
_entity.type
_entity.pdbx_description
1 polymer 'Terpene cyclase 6'
2 non-polymer FARNESYL
3 non-polymer 'PYROPHOSPHATE 2-'
4 non-polymer 'MALONATE ION'
5 non-polymer GLYCEROL
6 non-polymer 'MAGNESIUM ION'
7 non-polymer 'FARNESYL DIPHOSPHATE'
8 water water
#
_entity_poly.entity_id   1
_entity_poly.type   'polypeptide(L)'
_entity_poly.pdbx_seq_one_letter_code
;GAGAGAGAGAGMGQPTTTSLFMRDVMFHRMTGTSQAVNDVATLSGERREIIRRALNKKILVPNILELMPAWPSEFQPNID
EVNVEIDEWLKTVNVAKEKKLKHRARGNYTLLAGIYYPHCRKEKMLALSQFLYWIFFWDDEIDTGGELTEDREGTILCCA
ETNKCINDCLGPEPNYTPPPGSRGTVEMLYPILRDLRAGLSPVSTMRLKQELHDYVNGVKNQQKVRQEDHLPNPWDHFQM
RVDDVGVIPSITQNEYAMDFTLPDWIRRHEAMEEIVLQCTKLTILLNEILSLQKEFRVSQLENLCLLFMNTYDMSIEQSI
HKVLGLLKDHYKICIEAEARLPWSTTDEKLNNNIREYIRGCQRLATGTACWSYNCERYFKLSQLNDQQELLLDLSRT
;
_entity_poly.pdbx_strand_id   A,B
#
loop_
_chem_comp.id
_chem_comp.type
_chem_comp.name
_chem_comp.formula
FAR non-polymer FARNESYL 'C15 H26'
FPP non-polymer 'FARNESYL DIPHOSPHATE' 'C15 H28 O7 P2'
GOL non-polymer GLYCEROL 'C3 H8 O3'
MG non-polymer 'MAGNESIUM ION' 'Mg 2'
MLI non-polymer 'MALONATE ION' 'C3 H2 O4 -2'
POP non-polymer 'PYROPHOSPHATE 2-' 'H2 O7 P2 -2'
#
# COMPACT_ATOMS: atom_id res chain seq x y z
N THR A 42 -0.54 -11.75 42.46
CA THR A 42 -0.98 -12.46 41.26
C THR A 42 -1.92 -11.61 40.41
N LEU A 43 -2.19 -12.09 39.19
CA LEU A 43 -3.11 -11.41 38.29
C LEU A 43 -4.53 -11.44 38.85
N SER A 44 -4.94 -12.56 39.47
CA SER A 44 -6.29 -12.66 40.00
C SER A 44 -6.51 -11.68 41.14
N GLY A 45 -5.52 -11.50 42.01
CA GLY A 45 -5.63 -10.51 43.06
C GLY A 45 -5.78 -9.11 42.52
N GLU A 46 -5.04 -8.78 41.46
CA GLU A 46 -5.18 -7.46 40.85
C GLU A 46 -6.57 -7.28 40.26
N ARG A 47 -7.03 -8.25 39.46
CA ARG A 47 -8.36 -8.16 38.86
C ARG A 47 -9.43 -8.04 39.92
N ARG A 48 -9.34 -8.85 40.98
CA ARG A 48 -10.37 -8.85 42.01
C ARG A 48 -10.44 -7.49 42.71
N GLU A 49 -9.29 -6.85 42.91
CA GLU A 49 -9.28 -5.58 43.63
C GLU A 49 -9.83 -4.45 42.76
N ILE A 50 -9.52 -4.46 41.44
CA ILE A 50 -10.13 -3.50 40.52
C ILE A 50 -11.65 -3.62 40.56
N ILE A 51 -12.15 -4.84 40.40
CA ILE A 51 -13.60 -5.07 40.46
C ILE A 51 -14.16 -4.54 41.76
N ARG A 52 -13.49 -4.86 42.87
CA ARG A 52 -13.90 -4.35 44.18
C ARG A 52 -13.93 -2.82 44.18
N ARG A 53 -12.93 -2.17 43.59
CA ARG A 53 -12.87 -0.72 43.68
C ARG A 53 -13.83 -0.02 42.71
N ALA A 54 -14.13 -0.64 41.57
CA ALA A 54 -14.99 -0.01 40.58
C ALA A 54 -16.47 -0.41 40.67
N LEU A 55 -16.79 -1.45 41.45
CA LEU A 55 -18.15 -2.01 41.41
C LEU A 55 -19.18 -1.00 41.91
N ASN A 56 -20.28 -0.88 41.17
CA ASN A 56 -21.43 -0.03 41.47
C ASN A 56 -21.11 1.46 41.47
N LYS A 57 -19.93 1.86 41.00
CA LYS A 57 -19.61 3.28 40.94
C LYS A 57 -20.41 3.96 39.84
N LYS A 58 -20.90 5.17 40.13
CA LYS A 58 -21.60 5.99 39.14
C LYS A 58 -20.75 7.21 38.83
N ILE A 59 -20.47 7.44 37.54
CA ILE A 59 -19.60 8.54 37.14
C ILE A 59 -20.32 9.34 36.04
N LEU A 60 -20.49 10.64 36.28
CA LEU A 60 -21.07 11.52 35.27
C LEU A 60 -19.97 11.98 34.33
N VAL A 61 -20.13 11.69 33.04
CA VAL A 61 -19.13 12.01 32.02
C VAL A 61 -19.62 13.20 31.21
N PRO A 62 -18.80 14.25 31.03
CA PRO A 62 -19.23 15.37 30.20
C PRO A 62 -19.39 14.95 28.75
N ASN A 63 -20.13 15.76 28.01
CA ASN A 63 -20.35 15.54 26.58
C ASN A 63 -19.01 15.64 25.85
N ILE A 64 -18.52 14.50 25.34
CA ILE A 64 -17.18 14.43 24.77
C ILE A 64 -17.08 15.24 23.48
N LEU A 65 -18.20 15.42 22.76
CA LEU A 65 -18.19 16.25 21.55
C LEU A 65 -17.74 17.67 21.85
N GLU A 66 -17.97 18.16 23.07
CA GLU A 66 -17.59 19.51 23.40
C GLU A 66 -16.08 19.67 23.51
N LEU A 67 -15.34 18.57 23.65
CA LEU A 67 -13.89 18.63 23.72
C LEU A 67 -13.25 18.72 22.35
N MET A 68 -14.04 18.60 21.28
CA MET A 68 -13.56 18.76 19.91
C MET A 68 -14.43 19.79 19.21
N PRO A 69 -14.44 21.03 19.73
CA PRO A 69 -15.51 21.97 19.35
C PRO A 69 -15.45 22.43 17.90
N ALA A 70 -14.28 22.45 17.26
CA ALA A 70 -14.21 22.90 15.88
C ALA A 70 -14.71 21.86 14.87
N TRP A 71 -15.01 20.66 15.31
CA TRP A 71 -15.30 19.56 14.37
C TRP A 71 -16.77 19.19 14.47
N PRO A 72 -17.60 19.53 13.50
CA PRO A 72 -19.05 19.30 13.63
C PRO A 72 -19.43 17.87 13.26
N SER A 73 -20.56 17.45 13.81
CA SER A 73 -21.14 16.15 13.52
C SER A 73 -22.33 16.33 12.60
N GLU A 74 -22.40 15.50 11.56
CA GLU A 74 -23.46 15.60 10.57
C GLU A 74 -23.97 14.19 10.25
N PHE A 75 -25.12 14.14 9.58
CA PHE A 75 -25.77 12.88 9.26
C PHE A 75 -26.03 12.79 7.77
N GLN A 76 -25.56 11.71 7.16
CA GLN A 76 -25.84 11.47 5.75
C GLN A 76 -27.36 11.42 5.57
N PRO A 77 -27.91 12.07 4.53
CA PRO A 77 -29.36 12.25 4.47
C PRO A 77 -30.16 11.05 3.99
N ASN A 78 -29.53 9.92 3.64
CA ASN A 78 -30.28 8.77 3.14
C ASN A 78 -30.14 7.53 4.02
N ILE A 79 -29.80 7.73 5.31
CA ILE A 79 -29.58 6.61 6.23
C ILE A 79 -30.78 5.66 6.27
N ASP A 80 -32.01 6.20 6.35
CA ASP A 80 -33.18 5.33 6.44
C ASP A 80 -33.33 4.47 5.20
N GLU A 81 -33.25 5.10 4.03
CA GLU A 81 -33.34 4.37 2.78
C GLU A 81 -32.26 3.30 2.67
N VAL A 82 -31.03 3.62 3.06
CA VAL A 82 -29.95 2.64 3.03
C VAL A 82 -30.21 1.52 4.03
N ASN A 83 -30.77 1.84 5.21
CA ASN A 83 -31.05 0.79 6.17
C ASN A 83 -32.06 -0.23 5.63
N VAL A 84 -33.00 0.21 4.79
CA VAL A 84 -33.91 -0.74 4.16
C VAL A 84 -33.13 -1.72 3.30
N GLU A 85 -32.17 -1.21 2.52
CA GLU A 85 -31.32 -2.08 1.72
C GLU A 85 -30.50 -3.01 2.61
N ILE A 86 -29.92 -2.47 3.67
CA ILE A 86 -29.09 -3.26 4.59
C ILE A 86 -29.91 -4.39 5.22
N ASP A 87 -31.18 -4.11 5.56
CA ASP A 87 -32.01 -5.16 6.14
C ASP A 87 -32.28 -6.28 5.14
N GLU A 88 -32.52 -5.95 3.87
CA GLU A 88 -32.68 -7.00 2.87
C GLU A 88 -31.38 -7.79 2.71
N TRP A 89 -30.26 -7.08 2.66
CA TRP A 89 -28.96 -7.74 2.53
C TRP A 89 -28.65 -8.64 3.72
N LEU A 90 -28.97 -8.19 4.94
CA LEU A 90 -28.62 -8.98 6.12
C LEU A 90 -29.30 -10.35 6.12
N LYS A 91 -30.47 -10.47 5.50
CA LYS A 91 -31.13 -11.76 5.42
C LYS A 91 -30.26 -12.80 4.74
N THR A 92 -29.39 -12.37 3.82
CA THR A 92 -28.53 -13.26 3.07
C THR A 92 -27.20 -13.54 3.75
N VAL A 93 -26.90 -12.86 4.86
CA VAL A 93 -25.62 -13.01 5.53
C VAL A 93 -25.70 -14.25 6.42
N ASN A 94 -24.68 -15.10 6.36
CA ASN A 94 -24.68 -16.36 7.10
CA ASN A 94 -24.67 -16.36 7.09
C ASN A 94 -24.10 -16.16 8.50
N VAL A 95 -24.81 -15.34 9.26
CA VAL A 95 -24.59 -15.11 10.68
C VAL A 95 -25.96 -15.35 11.31
N ALA A 96 -25.99 -15.86 12.53
CA ALA A 96 -27.25 -16.22 13.18
C ALA A 96 -28.22 -15.03 13.22
N LYS A 97 -29.48 -15.30 12.87
CA LYS A 97 -30.52 -14.28 12.84
C LYS A 97 -30.53 -13.41 14.10
N GLU A 98 -30.55 -14.05 15.28
CA GLU A 98 -30.63 -13.28 16.51
C GLU A 98 -29.39 -12.41 16.72
N LYS A 99 -28.24 -12.86 16.23
CA LYS A 99 -27.02 -12.05 16.35
C LYS A 99 -27.03 -10.87 15.38
N LYS A 100 -27.43 -11.11 14.13
CA LYS A 100 -27.57 -10.01 13.18
C LYS A 100 -28.54 -8.96 13.69
N LEU A 101 -29.62 -9.40 14.34
CA LEU A 101 -30.63 -8.47 14.81
C LEU A 101 -30.14 -7.69 16.03
N LYS A 102 -29.43 -8.35 16.95
CA LYS A 102 -28.87 -7.63 18.08
C LYS A 102 -27.93 -6.52 17.63
N HIS A 103 -27.09 -6.80 16.62
CA HIS A 103 -26.20 -5.78 16.06
C HIS A 103 -26.98 -4.67 15.36
N ARG A 104 -27.98 -5.05 14.56
CA ARG A 104 -28.79 -4.07 13.85
C ARG A 104 -29.52 -3.17 14.83
N ALA A 105 -30.05 -3.74 15.91
CA ALA A 105 -30.87 -2.98 16.84
C ALA A 105 -30.02 -2.10 17.74
N ARG A 106 -28.96 -2.66 18.35
CA ARG A 106 -28.18 -1.91 19.30
C ARG A 106 -27.02 -1.14 18.66
N GLY A 107 -26.47 -1.65 17.56
CA GLY A 107 -25.32 -1.01 16.92
C GLY A 107 -25.73 -0.13 15.76
N ASN A 108 -26.60 -0.64 14.89
CA ASN A 108 -27.20 0.16 13.82
C ASN A 108 -26.12 0.85 12.99
N TYR A 109 -25.21 0.05 12.42
CA TYR A 109 -23.98 0.61 11.86
C TYR A 109 -24.21 1.46 10.62
N THR A 110 -25.36 1.35 9.94
CA THR A 110 -25.64 2.30 8.88
C THR A 110 -25.63 3.74 9.41
N LEU A 111 -26.08 3.94 10.66
CA LEU A 111 -26.01 5.27 11.26
C LEU A 111 -24.57 5.68 11.47
N LEU A 112 -23.72 4.75 11.93
CA LEU A 112 -22.30 5.06 12.10
C LEU A 112 -21.67 5.48 10.77
N ALA A 113 -21.90 4.71 9.70
CA ALA A 113 -21.43 5.13 8.39
C ALA A 113 -21.98 6.49 8.01
N GLY A 114 -23.25 6.75 8.35
CA GLY A 114 -23.88 8.00 8.00
C GLY A 114 -23.23 9.21 8.67
N ILE A 115 -22.63 9.00 9.84
CA ILE A 115 -21.95 10.07 10.55
C ILE A 115 -20.48 10.17 10.14
N TYR A 116 -19.84 9.02 9.86
CA TYR A 116 -18.48 9.03 9.33
C TYR A 116 -18.43 9.71 7.97
N TYR A 117 -19.48 9.53 7.16
CA TYR A 117 -19.47 9.94 5.75
C TYR A 117 -20.73 10.73 5.43
N PRO A 118 -20.93 11.89 6.08
CA PRO A 118 -22.23 12.59 5.97
C PRO A 118 -22.47 13.26 4.63
N HIS A 119 -21.46 13.43 3.79
CA HIS A 119 -21.62 14.11 2.52
C HIS A 119 -21.43 13.18 1.33
N CYS A 120 -21.37 11.87 1.56
CA CYS A 120 -21.24 10.98 0.42
C CYS A 120 -22.59 10.83 -0.28
N ARG A 121 -22.52 10.40 -1.54
CA ARG A 121 -23.74 10.08 -2.27
C ARG A 121 -24.33 8.78 -1.74
N LYS A 122 -25.65 8.62 -1.90
CA LYS A 122 -26.31 7.45 -1.32
C LYS A 122 -25.79 6.14 -1.90
N GLU A 123 -25.33 6.14 -3.16
CA GLU A 123 -24.86 4.89 -3.77
C GLU A 123 -23.65 4.33 -3.03
N LYS A 124 -22.85 5.18 -2.39
CA LYS A 124 -21.68 4.73 -1.65
C LYS A 124 -22.05 4.14 -0.29
N MET A 125 -23.20 4.53 0.26
CA MET A 125 -23.54 4.17 1.63
C MET A 125 -23.67 2.66 1.83
N LEU A 126 -24.07 1.91 0.80
CA LEU A 126 -24.34 0.48 1.00
C LEU A 126 -23.07 -0.28 1.36
N ALA A 127 -22.01 -0.18 0.54
CA ALA A 127 -20.78 -0.89 0.87
C ALA A 127 -20.18 -0.40 2.17
N LEU A 128 -20.27 0.91 2.44
CA LEU A 128 -19.71 1.43 3.68
C LEU A 128 -20.43 0.86 4.90
N SER A 129 -21.76 0.77 4.83
CA SER A 129 -22.50 0.18 5.94
C SER A 129 -22.22 -1.32 6.05
N GLN A 130 -22.12 -2.01 4.91
CA GLN A 130 -21.88 -3.44 4.94
C GLN A 130 -20.53 -3.75 5.59
N PHE A 131 -19.51 -2.95 5.29
CA PHE A 131 -18.20 -3.18 5.90
C PHE A 131 -18.27 -3.11 7.41
N LEU A 132 -19.03 -2.14 7.96
CA LEU A 132 -19.10 -2.01 9.40
C LEU A 132 -19.84 -3.19 10.02
N TYR A 133 -20.90 -3.68 9.37
CA TYR A 133 -21.53 -4.92 9.82
C TYR A 133 -20.53 -6.07 9.81
N TRP A 134 -19.71 -6.17 8.77
CA TRP A 134 -18.68 -7.21 8.73
C TRP A 134 -17.75 -7.11 9.93
N ILE A 135 -17.13 -5.93 10.13
CA ILE A 135 -16.08 -5.87 11.13
C ILE A 135 -16.63 -6.08 12.53
N PHE A 136 -17.87 -5.63 12.81
CA PHE A 136 -18.46 -5.91 14.11
C PHE A 136 -18.88 -7.37 14.25
N PHE A 137 -19.47 -7.97 13.19
CA PHE A 137 -19.77 -9.40 13.23
C PHE A 137 -18.50 -10.22 13.43
N TRP A 138 -17.46 -9.89 12.66
CA TRP A 138 -16.22 -10.64 12.70
C TRP A 138 -15.60 -10.54 14.09
N ASP A 139 -15.54 -9.33 14.62
CA ASP A 139 -14.97 -9.11 15.95
C ASP A 139 -15.78 -9.85 17.02
N ASP A 140 -17.10 -9.85 16.88
CA ASP A 140 -17.98 -10.62 17.76
C ASP A 140 -17.66 -12.11 17.70
N GLU A 141 -17.63 -12.69 16.49
CA GLU A 141 -17.52 -14.14 16.36
C GLU A 141 -16.16 -14.66 16.79
N ILE A 142 -15.10 -13.86 16.66
CA ILE A 142 -13.77 -14.34 16.97
C ILE A 142 -13.46 -14.13 18.46
N ASP A 151 -9.79 -20.14 22.83
CA ASP A 151 -9.69 -20.90 21.59
C ASP A 151 -8.65 -20.29 20.66
N ARG A 152 -7.37 -20.58 20.96
CA ARG A 152 -6.29 -20.05 20.13
C ARG A 152 -6.31 -20.64 18.73
N GLU A 153 -6.69 -21.91 18.59
CA GLU A 153 -6.70 -22.54 17.28
C GLU A 153 -7.76 -21.94 16.38
N GLY A 154 -8.98 -21.76 16.89
CA GLY A 154 -10.04 -21.18 16.10
C GLY A 154 -9.72 -19.77 15.65
N THR A 155 -9.07 -18.99 16.52
CA THR A 155 -8.68 -17.63 16.15
C THR A 155 -7.61 -17.64 15.07
N ILE A 156 -6.62 -18.51 15.20
CA ILE A 156 -5.55 -18.61 14.21
C ILE A 156 -6.12 -18.99 12.85
N LEU A 157 -7.04 -19.96 12.82
CA LEU A 157 -7.63 -20.40 11.56
C LEU A 157 -8.45 -19.29 10.93
N CYS A 158 -9.30 -18.62 11.73
CA CYS A 158 -10.12 -17.54 11.20
C CYS A 158 -9.27 -16.40 10.66
N CYS A 159 -8.24 -16.00 11.41
CA CYS A 159 -7.36 -14.94 10.92
C CYS A 159 -6.68 -15.30 9.60
N ALA A 160 -6.25 -16.57 9.45
CA ALA A 160 -5.62 -16.99 8.20
C ALA A 160 -6.61 -16.94 7.04
N GLU A 161 -7.84 -17.42 7.26
CA GLU A 161 -8.84 -17.36 6.22
C GLU A 161 -9.24 -15.93 5.89
N THR A 162 -9.20 -15.04 6.89
CA THR A 162 -9.55 -13.65 6.66
C THR A 162 -8.43 -12.92 5.92
N ASN A 163 -7.18 -13.14 6.33
CA ASN A 163 -6.05 -12.57 5.60
C ASN A 163 -6.02 -13.06 4.16
N LYS A 164 -6.41 -14.32 3.94
CA LYS A 164 -6.47 -14.84 2.58
C LYS A 164 -7.53 -14.12 1.77
N CYS A 165 -8.70 -13.89 2.37
CA CYS A 165 -9.74 -13.11 1.70
C CYS A 165 -9.22 -11.72 1.34
N ILE A 166 -8.55 -11.05 2.28
CA ILE A 166 -8.01 -9.71 2.03
C ILE A 166 -7.03 -9.73 0.86
N ASN A 167 -6.13 -10.72 0.84
CA ASN A 167 -5.20 -10.89 -0.29
C ASN A 167 -5.95 -11.19 -1.58
N ASP A 168 -6.91 -12.12 -1.54
CA ASP A 168 -7.67 -12.49 -2.73
C ASP A 168 -8.36 -11.28 -3.34
N CYS A 169 -8.97 -10.44 -2.49
CA CYS A 169 -9.84 -9.39 -3.00
C CYS A 169 -9.11 -8.10 -3.31
N LEU A 170 -8.07 -7.77 -2.55
CA LEU A 170 -7.41 -6.49 -2.68
C LEU A 170 -6.01 -6.60 -3.28
N GLY A 171 -5.55 -7.81 -3.58
CA GLY A 171 -4.20 -8.02 -4.05
C GLY A 171 -4.10 -7.94 -5.57
N PRO A 172 -2.92 -8.24 -6.10
CA PRO A 172 -2.66 -8.01 -7.53
C PRO A 172 -3.26 -9.06 -8.46
N GLU A 173 -3.85 -10.14 -7.95
CA GLU A 173 -4.55 -11.11 -8.81
C GLU A 173 -5.94 -11.33 -8.21
N PRO A 174 -6.88 -10.45 -8.51
CA PRO A 174 -8.15 -10.44 -7.78
C PRO A 174 -8.93 -11.73 -7.98
N ASN A 175 -9.45 -12.26 -6.87
CA ASN A 175 -10.33 -13.42 -6.89
C ASN A 175 -11.41 -13.17 -5.86
N TYR A 176 -12.63 -12.87 -6.31
CA TYR A 176 -13.71 -12.46 -5.42
C TYR A 176 -14.60 -13.62 -4.99
N THR A 177 -14.23 -14.86 -5.33
CA THR A 177 -15.08 -16.01 -5.03
C THR A 177 -14.65 -16.62 -3.70
N PRO A 178 -15.50 -16.64 -2.68
CA PRO A 178 -15.12 -17.27 -1.41
C PRO A 178 -14.82 -18.74 -1.64
N PRO A 179 -13.77 -19.27 -1.01
CA PRO A 179 -13.54 -20.71 -1.05
C PRO A 179 -14.74 -21.46 -0.51
N PRO A 180 -15.03 -22.65 -1.05
CA PRO A 180 -16.15 -23.43 -0.54
C PRO A 180 -15.97 -23.70 0.94
N GLY A 181 -17.09 -23.69 1.67
CA GLY A 181 -17.01 -23.92 3.10
C GLY A 181 -16.45 -22.78 3.92
N SER A 182 -16.41 -21.57 3.37
CA SER A 182 -15.98 -20.41 4.15
C SER A 182 -16.94 -20.15 5.31
N ARG A 183 -16.39 -19.71 6.44
CA ARG A 183 -17.28 -19.33 7.52
C ARG A 183 -18.03 -18.04 7.15
N GLY A 184 -19.15 -17.82 7.84
CA GLY A 184 -20.05 -16.75 7.44
C GLY A 184 -19.39 -15.38 7.46
N THR A 185 -18.59 -15.09 8.50
CA THR A 185 -17.97 -13.77 8.58
C THR A 185 -16.77 -13.61 7.65
N VAL A 186 -16.32 -14.66 6.99
CA VAL A 186 -15.32 -14.51 5.93
C VAL A 186 -15.98 -14.50 4.55
N GLU A 187 -16.93 -15.41 4.33
CA GLU A 187 -17.71 -15.42 3.08
C GLU A 187 -18.30 -14.06 2.77
N MET A 188 -18.85 -13.38 3.77
CA MET A 188 -19.50 -12.09 3.52
C MET A 188 -18.50 -11.00 3.15
N LEU A 189 -17.23 -11.15 3.53
CA LEU A 189 -16.24 -10.10 3.28
C LEU A 189 -15.85 -10.02 1.82
N TYR A 190 -15.83 -11.14 1.10
CA TYR A 190 -15.44 -11.14 -0.32
C TYR A 190 -16.21 -10.12 -1.15
N PRO A 191 -17.55 -10.10 -1.17
CA PRO A 191 -18.22 -9.11 -2.02
C PRO A 191 -18.12 -7.68 -1.49
N ILE A 192 -17.92 -7.50 -0.19
CA ILE A 192 -17.76 -6.16 0.38
C ILE A 192 -16.46 -5.54 -0.11
N LEU A 193 -15.36 -6.28 0.04
CA LEU A 193 -14.07 -5.79 -0.46
C LEU A 193 -14.10 -5.56 -1.96
N ARG A 194 -14.79 -6.43 -2.71
CA ARG A 194 -14.91 -6.22 -4.16
C ARG A 194 -15.60 -4.89 -4.47
N ASP A 195 -16.72 -4.62 -3.79
CA ASP A 195 -17.45 -3.38 -4.02
C ASP A 195 -16.62 -2.17 -3.61
N LEU A 196 -15.91 -2.26 -2.48
CA LEU A 196 -15.05 -1.14 -2.07
C LEU A 196 -13.94 -0.92 -3.10
N ARG A 197 -13.27 -1.98 -3.52
CA ARG A 197 -12.20 -1.87 -4.51
C ARG A 197 -12.70 -1.23 -5.82
N ALA A 198 -13.92 -1.55 -6.22
CA ALA A 198 -14.50 -0.96 -7.43
C ALA A 198 -14.54 0.58 -7.35
N GLY A 199 -14.63 1.14 -6.16
CA GLY A 199 -14.69 2.59 -6.05
C GLY A 199 -13.41 3.22 -5.53
N LEU A 200 -12.30 2.49 -5.60
CA LEU A 200 -11.01 2.93 -5.07
C LEU A 200 -9.92 2.87 -6.13
N SER A 201 -9.02 3.85 -6.10
CA SER A 201 -7.78 3.74 -6.85
C SER A 201 -6.90 2.64 -6.26
N PRO A 202 -6.07 2.00 -7.09
CA PRO A 202 -5.05 1.08 -6.54
C PRO A 202 -4.21 1.71 -5.44
N VAL A 203 -3.94 3.02 -5.51
CA VAL A 203 -3.23 3.68 -4.43
C VAL A 203 -3.98 3.48 -3.11
N SER A 204 -5.29 3.72 -3.12
CA SER A 204 -6.05 3.61 -1.88
C SER A 204 -6.26 2.16 -1.49
N THR A 205 -6.45 1.29 -2.49
CA THR A 205 -6.60 -0.14 -2.26
C THR A 205 -5.40 -0.74 -1.52
N MET A 206 -4.18 -0.35 -1.92
CA MET A 206 -2.99 -0.82 -1.23
C MET A 206 -3.02 -0.45 0.25
N ARG A 207 -3.46 0.77 0.55
CA ARG A 207 -3.52 1.18 1.96
C ARG A 207 -4.58 0.40 2.72
N LEU A 208 -5.77 0.24 2.12
CA LEU A 208 -6.83 -0.54 2.75
C LEU A 208 -6.36 -1.97 3.03
N LYS A 209 -5.69 -2.59 2.04
CA LYS A 209 -5.21 -3.96 2.21
C LYS A 209 -4.29 -4.08 3.41
N GLN A 210 -3.26 -3.24 3.47
CA GLN A 210 -2.33 -3.25 4.58
C GLN A 210 -3.03 -2.98 5.91
N GLU A 211 -3.98 -2.03 5.90
CA GLU A 211 -4.69 -1.66 7.12
C GLU A 211 -5.56 -2.81 7.62
N LEU A 212 -6.18 -3.55 6.71
CA LEU A 212 -7.00 -4.69 7.14
C LEU A 212 -6.12 -5.83 7.68
N HIS A 213 -4.98 -6.10 7.02
CA HIS A 213 -4.02 -7.05 7.57
C HIS A 213 -3.58 -6.66 8.97
N ASP A 214 -3.24 -5.38 9.16
CA ASP A 214 -2.86 -4.89 10.49
C ASP A 214 -3.95 -5.19 11.51
N TYR A 215 -5.20 -4.91 11.16
CA TYR A 215 -6.30 -5.16 12.09
C TYR A 215 -6.41 -6.65 12.40
N VAL A 216 -6.44 -7.50 11.36
CA VAL A 216 -6.60 -8.93 11.57
C VAL A 216 -5.43 -9.50 12.36
N ASN A 217 -4.19 -9.12 11.98
CA ASN A 217 -3.03 -9.62 12.72
C ASN A 217 -2.99 -9.10 14.15
N GLY A 218 -3.49 -7.88 14.39
CA GLY A 218 -3.53 -7.39 15.75
C GLY A 218 -4.45 -8.21 16.63
N VAL A 219 -5.60 -8.63 16.07
CA VAL A 219 -6.51 -9.50 16.79
C VAL A 219 -5.87 -10.84 17.06
N LYS A 220 -5.20 -11.40 16.05
CA LYS A 220 -4.51 -12.67 16.20
C LYS A 220 -3.53 -12.62 17.35
N ASN A 221 -2.72 -11.56 17.43
CA ASN A 221 -1.69 -11.50 18.45
C ASN A 221 -2.27 -11.29 19.84
N GLN A 222 -3.36 -10.55 19.94
CA GLN A 222 -4.05 -10.35 21.23
C GLN A 222 -4.80 -11.59 21.68
N HIS A 230 -0.48 -10.17 36.09
CA HIS A 230 -0.49 -8.71 36.01
C HIS A 230 -1.46 -8.19 34.97
N LEU A 231 -2.29 -7.22 35.35
CA LEU A 231 -2.96 -6.40 34.36
C LEU A 231 -1.91 -5.62 33.56
N PRO A 232 -2.17 -5.32 32.30
CA PRO A 232 -1.17 -4.62 31.50
C PRO A 232 -0.98 -3.18 31.96
N ASN A 233 0.20 -2.66 31.65
CA ASN A 233 0.49 -1.26 31.88
C ASN A 233 -0.42 -0.40 31.00
N PRO A 234 -0.94 0.71 31.52
CA PRO A 234 -1.88 1.50 30.71
C PRO A 234 -1.27 2.02 29.42
N TRP A 235 -0.01 2.43 29.42
CA TRP A 235 0.58 2.95 28.20
C TRP A 235 0.84 1.83 27.20
N ASP A 236 1.20 0.64 27.67
CA ASP A 236 1.31 -0.51 26.77
C ASP A 236 -0.04 -0.81 26.13
N HIS A 237 -1.10 -0.78 26.92
CA HIS A 237 -2.44 -1.03 26.39
C HIS A 237 -2.80 0.02 25.34
N PHE A 238 -2.55 1.30 25.65
CA PHE A 238 -2.88 2.37 24.72
C PHE A 238 -2.12 2.23 23.42
N GLN A 239 -0.80 2.00 23.49
CA GLN A 239 -0.01 1.89 22.27
C GLN A 239 -0.41 0.68 21.45
N MET A 240 -0.76 -0.42 22.12
CA MET A 240 -1.25 -1.60 21.40
C MET A 240 -2.50 -1.27 20.60
N ARG A 241 -3.45 -0.58 21.23
CA ARG A 241 -4.65 -0.18 20.51
C ARG A 241 -4.33 0.78 19.36
N VAL A 242 -3.36 1.68 19.56
CA VAL A 242 -3.01 2.62 18.49
C VAL A 242 -2.54 1.87 17.26
N ASP A 243 -1.82 0.75 17.44
CA ASP A 243 -1.39 -0.08 16.31
C ASP A 243 -2.52 -0.96 15.79
N ASP A 244 -3.36 -1.48 16.69
CA ASP A 244 -4.24 -2.58 16.34
C ASP A 244 -5.68 -2.18 16.04
N VAL A 245 -6.13 -1.01 16.52
CA VAL A 245 -7.56 -0.71 16.49
C VAL A 245 -8.05 -0.66 15.04
N GLY A 246 -9.29 -1.09 14.83
CA GLY A 246 -9.81 -1.19 13.47
C GLY A 246 -10.30 0.10 12.85
N VAL A 247 -9.76 1.25 13.26
CA VAL A 247 -10.33 2.52 12.82
C VAL A 247 -9.68 3.04 11.54
N ILE A 248 -8.43 2.69 11.26
CA ILE A 248 -7.75 3.24 10.07
C ILE A 248 -8.44 2.85 8.77
N PRO A 249 -8.93 1.62 8.58
CA PRO A 249 -9.64 1.32 7.33
C PRO A 249 -10.83 2.23 7.08
N SER A 250 -11.43 2.74 8.15
CA SER A 250 -12.52 3.70 8.02
C SER A 250 -12.04 5.06 7.51
N ILE A 251 -10.83 5.47 7.86
CA ILE A 251 -10.29 6.70 7.28
C ILE A 251 -10.09 6.50 5.78
N THR A 252 -9.51 5.36 5.39
CA THR A 252 -9.29 5.07 3.98
C THR A 252 -10.61 4.96 3.23
N GLN A 253 -11.65 4.44 3.88
CA GLN A 253 -12.92 4.33 3.16
C GLN A 253 -13.57 5.68 2.93
N ASN A 254 -13.09 6.77 3.55
CA ASN A 254 -13.60 8.07 3.14
C ASN A 254 -13.22 8.38 1.70
N GLU A 255 -12.10 7.81 1.23
CA GLU A 255 -11.71 7.93 -0.17
C GLU A 255 -12.70 7.22 -1.09
N TYR A 256 -13.22 6.06 -0.65
CA TYR A 256 -14.35 5.44 -1.34
C TYR A 256 -15.58 6.32 -1.24
N ALA A 257 -15.91 6.76 -0.03
CA ALA A 257 -17.16 7.49 0.20
C ALA A 257 -17.23 8.75 -0.66
N MET A 258 -16.15 9.51 -0.75
CA MET A 258 -16.12 10.79 -1.44
C MET A 258 -15.44 10.70 -2.80
N ASP A 259 -15.11 9.50 -3.25
CA ASP A 259 -14.62 9.25 -4.61
C ASP A 259 -13.41 10.14 -4.95
N PHE A 260 -12.35 9.97 -4.18
CA PHE A 260 -11.11 10.68 -4.46
C PHE A 260 -9.95 9.84 -3.97
N THR A 261 -8.75 10.22 -4.40
CA THR A 261 -7.51 9.56 -3.97
C THR A 261 -6.57 10.61 -3.41
N LEU A 262 -6.17 10.43 -2.14
CA LEU A 262 -5.08 11.23 -1.60
C LEU A 262 -3.75 10.67 -2.07
N PRO A 263 -2.87 11.49 -2.66
CA PRO A 263 -1.58 10.97 -3.14
C PRO A 263 -0.73 10.47 -1.97
N ASP A 264 0.07 9.43 -2.25
CA ASP A 264 0.96 8.89 -1.22
C ASP A 264 1.92 9.94 -0.67
N TRP A 265 2.45 10.83 -1.53
CA TRP A 265 3.44 11.77 -1.01
C TRP A 265 2.83 12.73 0.01
N ILE A 266 1.51 12.97 -0.07
CA ILE A 266 0.84 13.75 0.95
C ILE A 266 0.50 12.88 2.16
N ARG A 267 0.04 11.65 1.91
CA ARG A 267 -0.27 10.73 3.00
C ARG A 267 0.95 10.48 3.88
N ARG A 268 2.15 10.52 3.31
CA ARG A 268 3.39 10.30 4.07
C ARG A 268 3.98 11.58 4.64
N HIS A 269 3.38 12.74 4.37
CA HIS A 269 3.86 14.00 4.94
C HIS A 269 3.68 13.96 6.45
N GLU A 270 4.68 14.47 7.19
CA GLU A 270 4.66 14.34 8.65
C GLU A 270 3.38 14.88 9.24
N ALA A 271 2.85 15.96 8.67
CA ALA A 271 1.67 16.57 9.25
C ALA A 271 0.43 15.74 8.98
N MET A 272 0.35 15.07 7.84
CA MET A 272 -0.79 14.20 7.60
C MET A 272 -0.68 12.92 8.43
N GLU A 273 0.52 12.35 8.53
CA GLU A 273 0.71 11.22 9.43
C GLU A 273 0.33 11.59 10.87
N GLU A 274 0.64 12.83 11.28
CA GLU A 274 0.27 13.26 12.62
C GLU A 274 -1.24 13.35 12.79
N ILE A 275 -1.94 13.89 11.80
CA ILE A 275 -3.40 14.04 11.91
C ILE A 275 -4.07 12.67 11.98
N VAL A 276 -3.64 11.74 11.11
CA VAL A 276 -4.15 10.37 11.20
C VAL A 276 -3.90 9.78 12.58
N LEU A 277 -2.67 9.92 13.09
CA LEU A 277 -2.32 9.38 14.40
C LEU A 277 -3.14 10.01 15.51
N GLN A 278 -3.25 11.34 15.51
CA GLN A 278 -3.99 12.02 16.57
C GLN A 278 -5.47 11.62 16.56
N CYS A 279 -6.07 11.52 15.37
CA CYS A 279 -7.48 11.14 15.33
C CYS A 279 -7.66 9.69 15.73
N THR A 280 -6.69 8.84 15.42
CA THR A 280 -6.75 7.46 15.91
C THR A 280 -6.71 7.45 17.45
N LYS A 281 -5.77 8.21 18.02
CA LYS A 281 -5.66 8.27 19.48
C LYS A 281 -6.92 8.84 20.12
N LEU A 282 -7.48 9.90 19.53
CA LEU A 282 -8.71 10.50 20.06
C LEU A 282 -9.84 9.49 20.07
N THR A 283 -10.00 8.73 18.99
CA THR A 283 -11.07 7.75 18.91
C THR A 283 -10.92 6.68 19.98
N ILE A 284 -9.70 6.18 20.16
CA ILE A 284 -9.42 5.21 21.22
C ILE A 284 -9.77 5.79 22.58
N LEU A 285 -9.28 7.00 22.87
CA LEU A 285 -9.47 7.58 24.20
C LEU A 285 -10.94 7.73 24.55
N LEU A 286 -11.75 8.28 23.63
CA LEU A 286 -13.14 8.45 23.96
C LEU A 286 -13.86 7.10 24.03
N ASN A 287 -13.44 6.14 23.22
CA ASN A 287 -14.02 4.79 23.31
C ASN A 287 -13.72 4.15 24.66
N GLU A 288 -12.52 4.39 25.21
CA GLU A 288 -12.19 3.84 26.52
C GLU A 288 -13.18 4.30 27.57
N ILE A 289 -13.57 5.58 27.53
CA ILE A 289 -14.56 6.08 28.48
C ILE A 289 -15.93 5.53 28.16
N LEU A 290 -16.34 5.62 26.90
CA LEU A 290 -17.72 5.32 26.54
C LEU A 290 -18.02 3.82 26.66
N SER A 291 -17.01 2.98 26.52
CA SER A 291 -17.19 1.53 26.60
C SER A 291 -16.91 0.96 27.98
N LEU A 292 -16.62 1.81 28.97
CA LEU A 292 -16.18 1.30 30.28
C LEU A 292 -17.27 0.46 30.94
N GLN A 293 -18.51 0.95 30.91
CA GLN A 293 -19.61 0.21 31.52
C GLN A 293 -19.84 -1.12 30.82
N LYS A 294 -19.87 -1.12 29.49
CA LYS A 294 -20.00 -2.36 28.74
C LYS A 294 -18.91 -3.37 29.11
N GLU A 295 -17.65 -2.92 29.13
CA GLU A 295 -16.56 -3.87 29.33
C GLU A 295 -16.46 -4.32 30.79
N PHE A 296 -16.66 -3.41 31.74
CA PHE A 296 -16.63 -3.81 33.14
C PHE A 296 -17.72 -4.83 33.47
N ARG A 297 -18.86 -4.77 32.78
CA ARG A 297 -19.96 -5.67 33.12
C ARG A 297 -19.71 -7.11 32.68
N VAL A 298 -18.82 -7.32 31.71
CA VAL A 298 -18.39 -8.67 31.35
C VAL A 298 -16.97 -8.96 31.87
N SER A 299 -16.53 -8.21 32.88
CA SER A 299 -15.21 -8.41 33.48
C SER A 299 -14.08 -8.38 32.45
N GLN A 300 -14.20 -7.47 31.49
CA GLN A 300 -13.09 -7.17 30.58
C GLN A 300 -12.37 -5.97 31.16
N LEU A 301 -11.37 -6.23 32.00
CA LEU A 301 -10.74 -5.18 32.79
C LEU A 301 -9.62 -4.44 32.04
N GLU A 302 -9.26 -4.90 30.85
CA GLU A 302 -8.21 -4.22 30.07
C GLU A 302 -8.80 -3.00 29.35
N ASN A 303 -9.30 -2.08 30.18
CA ASN A 303 -9.84 -0.81 29.78
C ASN A 303 -8.95 0.25 30.38
N LEU A 304 -8.56 1.25 29.57
CA LEU A 304 -7.55 2.21 29.99
C LEU A 304 -7.91 2.87 31.33
N CYS A 305 -9.20 3.16 31.54
CA CYS A 305 -9.60 3.77 32.81
C CYS A 305 -9.24 2.87 33.98
N LEU A 306 -9.48 1.57 33.85
CA LEU A 306 -9.19 0.65 34.94
C LEU A 306 -7.68 0.43 35.09
N LEU A 307 -6.93 0.49 33.99
CA LEU A 307 -5.49 0.31 34.09
C LEU A 307 -4.82 1.48 34.79
N PHE A 308 -5.28 2.71 34.52
CA PHE A 308 -4.83 3.85 35.31
C PHE A 308 -5.18 3.67 36.79
N MET A 309 -6.37 3.16 37.08
CA MET A 309 -6.72 2.84 38.47
C MET A 309 -5.74 1.85 39.06
N ASN A 310 -5.39 0.81 38.30
CA ASN A 310 -4.57 -0.26 38.85
C ASN A 310 -3.13 0.19 39.05
N THR A 311 -2.51 0.73 38.00
CA THR A 311 -1.09 1.06 38.06
C THR A 311 -0.81 2.20 39.04
N TYR A 312 -1.70 3.19 39.11
CA TYR A 312 -1.41 4.41 39.87
C TYR A 312 -2.30 4.60 41.10
N ASP A 313 -3.13 3.61 41.45
CA ASP A 313 -4.11 3.71 42.55
C ASP A 313 -4.93 4.99 42.44
N MET A 314 -5.30 5.35 41.21
CA MET A 314 -6.25 6.43 41.00
C MET A 314 -7.67 5.94 41.28
N SER A 315 -8.51 6.87 41.73
CA SER A 315 -9.94 6.59 41.74
C SER A 315 -10.47 6.52 40.30
N ILE A 316 -11.63 5.88 40.14
CA ILE A 316 -12.23 5.79 38.81
C ILE A 316 -12.51 7.19 38.26
N GLU A 317 -12.89 8.13 39.14
CA GLU A 317 -13.16 9.49 38.70
C GLU A 317 -11.88 10.18 38.22
N GLN A 318 -10.80 10.02 38.97
CA GLN A 318 -9.51 10.57 38.54
C GLN A 318 -9.07 9.99 37.21
N SER A 319 -9.28 8.68 37.01
CA SER A 319 -8.79 8.06 35.79
C SER A 319 -9.58 8.54 34.58
N ILE A 320 -10.90 8.69 34.72
CA ILE A 320 -11.69 9.23 33.62
C ILE A 320 -11.27 10.66 33.33
N HIS A 321 -11.04 11.45 34.38
CA HIS A 321 -10.55 12.81 34.22
C HIS A 321 -9.22 12.81 33.47
N LYS A 322 -8.34 11.86 33.79
CA LYS A 322 -7.06 11.78 33.09
C LYS A 322 -7.26 11.50 31.61
N VAL A 323 -8.15 10.58 31.27
CA VAL A 323 -8.38 10.27 29.85
C VAL A 323 -8.96 11.47 29.13
N LEU A 324 -9.90 12.17 29.75
CA LEU A 324 -10.45 13.39 29.17
C LEU A 324 -9.36 14.44 28.97
N GLY A 325 -8.37 14.49 29.87
CA GLY A 325 -7.25 15.40 29.68
C GLY A 325 -6.41 15.04 28.47
N LEU A 326 -6.16 13.75 28.29
CA LEU A 326 -5.40 13.30 27.11
C LEU A 326 -6.17 13.61 25.83
N LEU A 327 -7.49 13.44 25.84
CA LEU A 327 -8.29 13.80 24.67
C LEU A 327 -8.06 15.25 24.28
N LYS A 328 -8.13 16.16 25.26
CA LYS A 328 -7.95 17.57 24.96
C LYS A 328 -6.53 17.85 24.45
N ASP A 329 -5.52 17.19 25.04
CA ASP A 329 -4.15 17.37 24.56
C ASP A 329 -4.01 16.99 23.09
N HIS A 330 -4.52 15.81 22.72
CA HIS A 330 -4.27 15.32 21.38
C HIS A 330 -5.12 16.04 20.34
N TYR A 331 -6.28 16.57 20.74
CA TYR A 331 -7.06 17.40 19.83
C TYR A 331 -6.29 18.66 19.45
N LYS A 332 -5.63 19.30 20.42
CA LYS A 332 -4.88 20.52 20.15
C LYS A 332 -3.66 20.23 19.27
N ILE A 333 -2.96 19.11 19.52
CA ILE A 333 -1.90 18.67 18.61
C ILE A 333 -2.45 18.54 17.20
N CYS A 334 -3.58 17.84 17.07
CA CYS A 334 -4.15 17.60 15.75
C CYS A 334 -4.47 18.90 15.03
N ILE A 335 -5.12 19.84 15.72
CA ILE A 335 -5.47 21.12 15.12
C ILE A 335 -4.22 21.85 14.65
N GLU A 336 -3.18 21.85 15.46
CA GLU A 336 -1.96 22.58 15.10
C GLU A 336 -1.22 21.93 13.92
N ALA A 337 -1.45 20.65 13.66
CA ALA A 337 -0.78 20.01 12.53
C ALA A 337 -1.30 20.52 11.18
N GLU A 338 -2.55 21.01 11.14
CA GLU A 338 -3.14 21.40 9.85
C GLU A 338 -2.32 22.50 9.17
N ALA A 339 -1.75 23.42 9.96
CA ALA A 339 -1.00 24.52 9.38
C ALA A 339 0.26 24.04 8.68
N ARG A 340 0.74 22.85 9.01
CA ARG A 340 1.97 22.33 8.41
C ARG A 340 1.70 21.46 7.18
N LEU A 341 0.44 21.23 6.81
CA LEU A 341 0.16 20.38 5.66
C LEU A 341 0.70 21.01 4.38
N PRO A 342 1.07 20.19 3.38
CA PRO A 342 1.56 20.74 2.11
C PRO A 342 0.41 21.21 1.21
N TRP A 343 -0.35 22.18 1.69
CA TRP A 343 -1.40 22.79 0.86
C TRP A 343 -0.80 23.36 -0.42
N SER A 344 -1.53 23.21 -1.52
CA SER A 344 -1.09 23.76 -2.79
C SER A 344 -1.41 25.25 -2.88
N THR A 345 -0.55 26.00 -3.56
CA THR A 345 -0.87 27.39 -3.84
C THR A 345 -1.81 27.54 -5.04
N THR A 346 -2.03 26.49 -5.82
CA THR A 346 -2.76 26.65 -7.08
C THR A 346 -3.88 25.63 -7.30
N ASP A 347 -3.75 24.42 -6.74
CA ASP A 347 -4.54 23.27 -7.17
C ASP A 347 -5.75 23.12 -6.25
N GLU A 348 -6.89 23.62 -6.71
CA GLU A 348 -8.13 23.54 -5.94
C GLU A 348 -8.54 22.09 -5.68
N LYS A 349 -8.48 21.25 -6.71
CA LYS A 349 -8.87 19.85 -6.54
C LYS A 349 -8.00 19.15 -5.51
N LEU A 350 -6.67 19.33 -5.60
CA LEU A 350 -5.76 18.75 -4.63
C LEU A 350 -6.08 19.22 -3.22
N ASN A 351 -6.28 20.54 -3.03
CA ASN A 351 -6.58 21.04 -1.69
C ASN A 351 -7.93 20.54 -1.19
N ASN A 352 -8.92 20.43 -2.09
CA ASN A 352 -10.18 19.82 -1.68
C ASN A 352 -9.99 18.38 -1.21
N ASN A 353 -9.06 17.65 -1.82
CA ASN A 353 -8.79 16.28 -1.42
C ASN A 353 -8.10 16.23 -0.06
N ILE A 354 -7.12 17.12 0.16
CA ILE A 354 -6.51 17.21 1.49
C ILE A 354 -7.56 17.56 2.54
N ARG A 355 -8.40 18.55 2.25
CA ARG A 355 -9.46 18.95 3.19
C ARG A 355 -10.36 17.76 3.52
N GLU A 356 -10.85 17.07 2.49
CA GLU A 356 -11.76 15.95 2.71
C GLU A 356 -11.07 14.83 3.49
N TYR A 357 -9.79 14.57 3.20
CA TYR A 357 -9.11 13.50 3.91
C TYR A 357 -8.99 13.81 5.40
N ILE A 358 -8.64 15.05 5.75
CA ILE A 358 -8.52 15.35 7.19
C ILE A 358 -9.91 15.45 7.84
N ARG A 359 -10.95 15.90 7.12
CA ARG A 359 -12.27 15.83 7.73
C ARG A 359 -12.67 14.38 7.99
N GLY A 360 -12.30 13.47 7.09
CA GLY A 360 -12.55 12.05 7.35
C GLY A 360 -11.89 11.58 8.62
N CYS A 361 -10.64 12.00 8.84
CA CYS A 361 -9.94 11.65 10.07
C CYS A 361 -10.67 12.22 11.29
N GLN A 362 -10.99 13.50 11.25
CA GLN A 362 -11.70 14.12 12.37
C GLN A 362 -13.06 13.47 12.62
N ARG A 363 -13.75 13.04 11.57
CA ARG A 363 -15.06 12.42 11.77
C ARG A 363 -14.99 11.02 12.38
N LEU A 364 -13.84 10.33 12.26
CA LEU A 364 -13.68 9.10 13.02
C LEU A 364 -13.83 9.36 14.50
N ALA A 365 -13.27 10.46 14.99
CA ALA A 365 -13.28 10.75 16.41
C ALA A 365 -14.63 11.31 16.83
N THR A 366 -15.07 12.39 16.18
CA THR A 366 -16.38 12.95 16.54
C THR A 366 -17.49 11.99 16.21
N GLY A 367 -17.35 11.24 15.12
CA GLY A 367 -18.41 10.35 14.69
C GLY A 367 -18.58 9.14 15.59
N THR A 368 -17.46 8.58 16.06
CA THR A 368 -17.57 7.47 17.00
C THR A 368 -18.25 7.91 18.29
N ALA A 369 -17.91 9.11 18.78
CA ALA A 369 -18.62 9.68 19.94
C ALA A 369 -20.10 9.91 19.62
N CYS A 370 -20.37 10.61 18.52
CA CYS A 370 -21.77 10.95 18.20
C CYS A 370 -22.62 9.68 18.03
N TRP A 371 -22.09 8.69 17.30
CA TRP A 371 -22.78 7.40 17.17
C TRP A 371 -23.00 6.74 18.53
N SER A 372 -21.98 6.74 19.39
CA SER A 372 -22.14 6.14 20.71
C SER A 372 -23.27 6.80 21.51
N TYR A 373 -23.49 8.10 21.30
CA TYR A 373 -24.54 8.84 21.97
C TYR A 373 -25.90 8.69 21.27
N ASN A 374 -25.98 7.82 20.25
CA ASN A 374 -27.18 7.68 19.45
C ASN A 374 -27.50 6.21 19.13
N CYS A 375 -26.92 5.29 19.89
CA CYS A 375 -27.26 3.88 19.77
C CYS A 375 -27.10 3.28 21.16
N GLU A 376 -27.35 1.98 21.28
CA GLU A 376 -27.34 1.35 22.59
C GLU A 376 -26.30 0.24 22.68
N ARG A 377 -25.24 0.34 21.87
CA ARG A 377 -24.16 -0.63 22.00
C ARG A 377 -23.47 -0.54 23.36
N TYR A 378 -23.30 0.67 23.89
CA TYR A 378 -22.46 0.84 25.06
C TYR A 378 -23.22 1.07 26.36
N PHE A 379 -24.38 1.70 26.30
CA PHE A 379 -25.18 2.02 27.47
C PHE A 379 -26.61 2.23 27.00
N LYS A 380 -27.54 2.31 27.95
CA LYS A 380 -28.89 2.70 27.62
C LYS A 380 -28.95 4.22 27.42
N LEU A 381 -29.71 4.64 26.40
CA LEU A 381 -29.72 6.07 26.09
C LEU A 381 -30.42 6.88 27.18
N SER A 382 -31.21 6.22 28.04
CA SER A 382 -31.76 6.90 29.20
C SER A 382 -30.68 7.39 30.16
N GLN A 383 -29.46 6.84 30.07
CA GLN A 383 -28.36 7.26 30.93
C GLN A 383 -27.77 8.61 30.54
N LEU A 384 -28.19 9.17 29.41
CA LEU A 384 -27.79 10.52 29.03
C LEU A 384 -28.80 11.53 29.59
N ASN A 385 -28.30 12.61 30.20
CA ASN A 385 -29.20 13.65 30.63
C ASN A 385 -29.35 14.67 29.49
N ASP A 386 -30.02 15.79 29.76
CA ASP A 386 -30.35 16.71 28.68
C ASP A 386 -29.14 17.44 28.12
N GLN A 387 -27.96 17.30 28.74
CA GLN A 387 -26.75 17.94 28.23
C GLN A 387 -25.82 16.93 27.59
N GLN A 388 -26.32 15.75 27.23
CA GLN A 388 -25.49 14.67 26.69
C GLN A 388 -24.38 14.27 27.66
N GLU A 389 -24.64 14.48 28.96
CA GLU A 389 -23.75 13.97 30.00
C GLU A 389 -24.19 12.56 30.35
N LEU A 390 -23.23 11.64 30.36
CA LEU A 390 -23.50 10.22 30.52
C LEU A 390 -23.26 9.82 31.97
N LEU A 391 -24.25 9.18 32.59
CA LEU A 391 -24.09 8.66 33.94
C LEU A 391 -23.70 7.19 33.80
N LEU A 392 -22.39 6.94 33.73
CA LEU A 392 -21.92 5.57 33.75
C LEU A 392 -22.37 4.89 35.04
N ASP A 393 -22.60 3.59 34.96
CA ASP A 393 -23.13 2.84 36.11
C ASP A 393 -22.46 1.48 36.08
N LEU A 394 -21.46 1.30 36.94
CA LEU A 394 -20.71 0.04 36.91
C LEU A 394 -21.34 -1.02 37.79
N SER A 395 -22.67 -1.05 37.86
CA SER A 395 -23.38 -2.13 38.50
C SER A 395 -23.29 -3.41 37.67
N ARG A 396 -23.56 -4.53 38.32
CA ARG A 396 -23.67 -5.84 37.68
C ARG A 396 -24.98 -6.52 38.06
N SER B 44 7.70 11.61 -41.74
CA SER B 44 7.80 10.55 -42.75
C SER B 44 6.46 9.86 -42.93
N GLY B 45 6.33 9.14 -44.04
CA GLY B 45 5.05 8.51 -44.37
C GLY B 45 4.70 7.38 -43.41
N GLU B 46 5.66 6.51 -43.11
CA GLU B 46 5.32 5.38 -42.24
C GLU B 46 5.00 5.83 -40.83
N ARG B 47 5.67 6.88 -40.33
CA ARG B 47 5.32 7.44 -39.02
C ARG B 47 3.92 8.04 -39.03
N ARG B 48 3.56 8.77 -40.09
CA ARG B 48 2.21 9.32 -40.21
C ARG B 48 1.16 8.21 -40.25
N GLU B 49 1.45 7.13 -40.99
CA GLU B 49 0.51 6.02 -41.05
C GLU B 49 0.36 5.34 -39.70
N ILE B 50 1.45 5.20 -38.94
CA ILE B 50 1.36 4.63 -37.61
C ILE B 50 0.43 5.48 -36.74
N ILE B 51 0.67 6.79 -36.73
CA ILE B 51 -0.17 7.70 -35.95
C ILE B 51 -1.62 7.60 -36.40
N ARG B 52 -1.86 7.66 -37.71
CA ARG B 52 -3.23 7.57 -38.20
C ARG B 52 -3.90 6.29 -37.75
N ARG B 53 -3.20 5.16 -37.81
CA ARG B 53 -3.84 3.89 -37.52
C ARG B 53 -3.98 3.62 -36.02
N ALA B 54 -3.24 4.32 -35.17
CA ALA B 54 -3.32 4.10 -33.73
C ALA B 54 -4.12 5.18 -33.01
N LEU B 55 -4.22 6.37 -33.59
CA LEU B 55 -4.80 7.51 -32.89
C LEU B 55 -6.22 7.20 -32.43
N ASN B 56 -6.48 7.50 -31.16
CA ASN B 56 -7.79 7.38 -30.51
C ASN B 56 -8.24 5.94 -30.30
N LYS B 57 -7.39 4.96 -30.60
CA LYS B 57 -7.78 3.58 -30.37
C LYS B 57 -7.85 3.29 -28.87
N LYS B 58 -8.87 2.55 -28.47
CA LYS B 58 -8.97 2.04 -27.12
C LYS B 58 -8.82 0.52 -27.18
N ILE B 59 -7.92 -0.02 -26.36
CA ILE B 59 -7.60 -1.44 -26.34
C ILE B 59 -7.69 -1.94 -24.90
N LEU B 60 -8.45 -3.01 -24.69
CA LEU B 60 -8.55 -3.63 -23.38
C LEU B 60 -7.45 -4.67 -23.24
N VAL B 61 -6.59 -4.50 -22.24
CA VAL B 61 -5.45 -5.39 -22.01
C VAL B 61 -5.78 -6.27 -20.81
N PRO B 62 -5.65 -7.60 -20.92
CA PRO B 62 -5.90 -8.46 -19.76
C PRO B 62 -4.84 -8.26 -18.70
N ASN B 63 -5.11 -8.81 -17.51
CA ASN B 63 -4.14 -8.79 -16.42
C ASN B 63 -2.88 -9.56 -16.81
N ILE B 64 -1.80 -8.82 -17.06
CA ILE B 64 -0.56 -9.46 -17.51
C ILE B 64 0.00 -10.41 -16.46
N LEU B 65 -0.26 -10.14 -15.17
CA LEU B 65 0.22 -11.05 -14.13
C LEU B 65 -0.34 -12.46 -14.29
N GLU B 66 -1.56 -12.59 -14.83
CA GLU B 66 -2.12 -13.91 -15.04
C GLU B 66 -1.34 -14.71 -16.08
N LEU B 67 -0.54 -14.05 -16.92
CA LEU B 67 0.24 -14.77 -17.91
C LEU B 67 1.50 -15.37 -17.31
N MET B 68 1.83 -15.04 -16.05
CA MET B 68 2.95 -15.63 -15.34
C MET B 68 2.44 -16.25 -14.05
N PRO B 69 1.56 -17.26 -14.15
CA PRO B 69 0.73 -17.62 -12.98
C PRO B 69 1.51 -18.24 -11.84
N ALA B 70 2.65 -18.89 -12.11
CA ALA B 70 3.40 -19.49 -11.02
C ALA B 70 4.20 -18.48 -10.19
N TRP B 71 4.21 -17.22 -10.60
CA TRP B 71 5.13 -16.24 -10.03
C TRP B 71 4.34 -15.18 -9.28
N PRO B 72 4.34 -15.19 -7.95
CA PRO B 72 3.44 -14.30 -7.21
C PRO B 72 4.03 -12.91 -7.01
N SER B 73 3.14 -11.94 -6.84
CA SER B 73 3.53 -10.56 -6.57
C SER B 73 3.31 -10.26 -5.08
N GLU B 74 4.33 -9.70 -4.44
CA GLU B 74 4.29 -9.42 -3.00
C GLU B 74 4.87 -8.04 -2.75
N PHE B 75 4.64 -7.53 -1.54
CA PHE B 75 5.04 -6.18 -1.16
C PHE B 75 5.87 -6.24 0.11
N GLN B 76 7.05 -5.62 0.08
CA GLN B 76 7.87 -5.50 1.27
C GLN B 76 7.10 -4.72 2.33
N PRO B 77 7.11 -5.16 3.59
CA PRO B 77 6.16 -4.60 4.56
C PRO B 77 6.52 -3.21 5.09
N ASN B 78 7.68 -2.63 4.75
CA ASN B 78 8.04 -1.34 5.32
C ASN B 78 8.07 -0.22 4.28
N ILE B 79 7.42 -0.41 3.12
CA ILE B 79 7.45 0.58 2.05
C ILE B 79 7.09 1.98 2.56
N ASP B 80 6.02 2.09 3.36
CA ASP B 80 5.58 3.42 3.80
C ASP B 80 6.65 4.11 4.66
N GLU B 81 7.20 3.39 5.65
CA GLU B 81 8.23 3.97 6.49
C GLU B 81 9.45 4.37 5.66
N VAL B 82 9.84 3.54 4.70
CA VAL B 82 11.02 3.85 3.87
C VAL B 82 10.74 5.07 3.00
N ASN B 83 9.50 5.21 2.53
CA ASN B 83 9.17 6.39 1.74
C ASN B 83 9.34 7.68 2.54
N VAL B 84 9.08 7.65 3.85
CA VAL B 84 9.33 8.87 4.65
C VAL B 84 10.82 9.19 4.66
N GLU B 85 11.68 8.17 4.79
CA GLU B 85 13.12 8.40 4.68
C GLU B 85 13.51 8.90 3.30
N ILE B 86 12.95 8.29 2.25
CA ILE B 86 13.22 8.72 0.89
C ILE B 86 12.86 10.19 0.70
N ASP B 87 11.71 10.62 1.25
CA ASP B 87 11.29 12.01 1.08
C ASP B 87 12.29 12.99 1.72
N GLU B 88 12.77 12.68 2.92
CA GLU B 88 13.80 13.52 3.52
C GLU B 88 15.08 13.48 2.69
N TRP B 89 15.48 12.30 2.24
CA TRP B 89 16.69 12.18 1.43
C TRP B 89 16.56 12.95 0.12
N LEU B 90 15.38 12.93 -0.51
CA LEU B 90 15.23 13.59 -1.80
C LEU B 90 15.49 15.09 -1.70
N LYS B 91 15.24 15.69 -0.53
CA LYS B 91 15.49 17.12 -0.35
C LYS B 91 16.96 17.46 -0.60
N THR B 92 17.85 16.51 -0.36
CA THR B 92 19.29 16.72 -0.51
C THR B 92 19.77 16.51 -1.93
N VAL B 93 18.93 15.95 -2.80
CA VAL B 93 19.37 15.57 -4.14
C VAL B 93 19.30 16.78 -5.06
N ASN B 94 20.38 17.02 -5.79
CA ASN B 94 20.51 18.19 -6.65
C ASN B 94 19.84 17.94 -8.01
N VAL B 95 18.53 17.71 -7.93
CA VAL B 95 17.62 17.65 -9.06
C VAL B 95 16.48 18.60 -8.71
N ALA B 96 15.90 19.24 -9.72
CA ALA B 96 14.89 20.26 -9.48
C ALA B 96 13.72 19.70 -8.69
N LYS B 97 13.28 20.47 -7.68
CA LYS B 97 12.18 20.07 -6.80
C LYS B 97 10.99 19.53 -7.58
N GLU B 98 10.56 20.25 -8.63
CA GLU B 98 9.36 19.82 -9.35
C GLU B 98 9.59 18.53 -10.13
N LYS B 99 10.81 18.31 -10.62
CA LYS B 99 11.13 17.03 -11.25
C LYS B 99 11.15 15.90 -10.23
N LYS B 100 11.81 16.11 -9.08
CA LYS B 100 11.83 15.09 -8.05
C LYS B 100 10.43 14.71 -7.61
N LEU B 101 9.55 15.69 -7.45
CA LEU B 101 8.20 15.38 -6.97
C LEU B 101 7.38 14.69 -8.06
N LYS B 102 7.57 15.06 -9.33
CA LYS B 102 6.87 14.34 -10.37
C LYS B 102 7.25 12.87 -10.39
N HIS B 103 8.54 12.57 -10.22
CA HIS B 103 8.98 11.18 -10.12
C HIS B 103 8.39 10.51 -8.88
N ARG B 104 8.49 11.20 -7.73
CA ARG B 104 7.97 10.64 -6.49
C ARG B 104 6.47 10.36 -6.58
N ALA B 105 5.71 11.30 -7.13
CA ALA B 105 4.25 11.16 -7.15
C ALA B 105 3.79 10.15 -8.19
N ARG B 106 4.36 10.18 -9.40
CA ARG B 106 3.88 9.28 -10.46
C ARG B 106 4.64 7.97 -10.52
N GLY B 107 5.91 7.98 -10.15
CA GLY B 107 6.74 6.80 -10.25
C GLY B 107 6.86 6.04 -8.94
N ASN B 108 7.08 6.75 -7.83
CA ASN B 108 7.01 6.15 -6.49
C ASN B 108 7.91 4.91 -6.40
N TYR B 109 9.20 5.10 -6.68
CA TYR B 109 10.07 3.93 -6.90
C TYR B 109 10.38 3.18 -5.62
N THR B 110 10.09 3.74 -4.43
CA THR B 110 10.19 2.92 -3.24
C THR B 110 9.25 1.72 -3.32
N LEU B 111 8.06 1.93 -3.89
CA LEU B 111 7.11 0.83 -4.09
C LEU B 111 7.65 -0.21 -5.07
N LEU B 112 8.27 0.23 -6.17
CA LEU B 112 8.89 -0.70 -7.12
C LEU B 112 9.97 -1.56 -6.43
N ALA B 113 10.87 -0.93 -5.68
CA ALA B 113 11.83 -1.69 -4.90
C ALA B 113 11.13 -2.67 -3.96
N GLY B 114 10.03 -2.25 -3.34
CA GLY B 114 9.31 -3.11 -2.42
C GLY B 114 8.64 -4.29 -3.08
N ILE B 115 8.37 -4.20 -4.39
CA ILE B 115 7.82 -5.34 -5.12
C ILE B 115 8.93 -6.21 -5.69
N TYR B 116 10.04 -5.60 -6.13
CA TYR B 116 11.20 -6.36 -6.58
C TYR B 116 11.77 -7.19 -5.44
N TYR B 117 11.76 -6.66 -4.22
CA TYR B 117 12.48 -7.24 -3.09
C TYR B 117 11.55 -7.39 -1.89
N PRO B 118 10.46 -8.16 -2.02
CA PRO B 118 9.42 -8.13 -0.99
C PRO B 118 9.82 -8.79 0.31
N HIS B 119 10.88 -9.59 0.33
CA HIS B 119 11.28 -10.30 1.55
C HIS B 119 12.59 -9.81 2.12
N CYS B 120 13.07 -8.64 1.70
CA CYS B 120 14.30 -8.13 2.28
C CYS B 120 14.02 -7.51 3.66
N ARG B 121 15.06 -7.46 4.48
CA ARG B 121 14.98 -6.73 5.73
C ARG B 121 14.89 -5.24 5.48
N LYS B 122 14.19 -4.53 6.38
CA LYS B 122 13.99 -3.09 6.21
C LYS B 122 15.30 -2.35 5.95
N GLU B 123 16.39 -2.79 6.60
CA GLU B 123 17.66 -2.05 6.47
C GLU B 123 18.19 -2.01 5.03
N LYS B 124 17.73 -2.93 4.18
CA LYS B 124 18.17 -2.96 2.78
C LYS B 124 17.36 -2.00 1.90
N MET B 125 16.19 -1.58 2.35
CA MET B 125 15.25 -0.93 1.44
C MET B 125 15.72 0.44 1.01
N LEU B 126 16.40 1.19 1.89
CA LEU B 126 16.73 2.57 1.57
C LEU B 126 17.65 2.63 0.35
N ALA B 127 18.75 1.88 0.37
CA ALA B 127 19.69 1.93 -0.75
C ALA B 127 19.02 1.44 -2.03
N LEU B 128 18.23 0.37 -1.95
CA LEU B 128 17.57 -0.13 -3.15
C LEU B 128 16.62 0.91 -3.73
N SER B 129 15.87 1.59 -2.86
CA SER B 129 14.97 2.63 -3.33
C SER B 129 15.75 3.81 -3.89
N GLN B 130 16.86 4.18 -3.23
CA GLN B 130 17.66 5.30 -3.72
C GLN B 130 18.23 4.99 -5.11
N PHE B 131 18.68 3.75 -5.33
CA PHE B 131 19.22 3.43 -6.64
C PHE B 131 18.19 3.66 -7.74
N LEU B 132 16.93 3.29 -7.48
CA LEU B 132 15.91 3.43 -8.51
C LEU B 132 15.61 4.91 -8.79
N TYR B 133 15.56 5.73 -7.74
CA TYR B 133 15.47 7.18 -7.95
C TYR B 133 16.63 7.68 -8.80
N TRP B 134 17.85 7.20 -8.52
CA TRP B 134 19.00 7.59 -9.34
C TRP B 134 18.78 7.24 -10.81
N ILE B 135 18.43 5.97 -11.10
CA ILE B 135 18.45 5.54 -12.49
C ILE B 135 17.34 6.24 -13.29
N PHE B 136 16.17 6.46 -12.66
CA PHE B 136 15.11 7.22 -13.34
C PHE B 136 15.50 8.68 -13.49
N PHE B 137 16.08 9.30 -12.45
CA PHE B 137 16.54 10.70 -12.58
C PHE B 137 17.59 10.80 -13.69
N TRP B 138 18.54 9.87 -13.71
CA TRP B 138 19.66 9.92 -14.63
C TRP B 138 19.18 9.75 -16.07
N ASP B 139 18.32 8.76 -16.28
CA ASP B 139 17.73 8.54 -17.60
C ASP B 139 16.93 9.76 -18.06
N ASP B 140 16.21 10.38 -17.13
CA ASP B 140 15.42 11.57 -17.45
C ASP B 140 16.31 12.72 -17.91
N GLU B 141 17.36 13.04 -17.13
CA GLU B 141 18.18 14.21 -17.43
C GLU B 141 18.98 14.03 -18.71
N ILE B 142 19.55 12.86 -18.93
CA ILE B 142 20.41 12.63 -20.08
C ILE B 142 19.62 12.60 -21.38
N ASP B 151 22.13 17.71 -26.20
CA ASP B 151 23.50 17.73 -26.71
C ASP B 151 24.09 16.34 -26.70
N ARG B 152 24.62 15.90 -27.85
CA ARG B 152 25.42 14.69 -27.85
C ARG B 152 26.69 14.89 -27.03
N GLU B 153 27.24 16.11 -27.03
CA GLU B 153 28.35 16.42 -26.15
C GLU B 153 27.95 16.25 -24.69
N GLY B 154 26.79 16.80 -24.30
CA GLY B 154 26.32 16.61 -22.95
C GLY B 154 26.18 15.14 -22.56
N THR B 155 25.70 14.31 -23.50
CA THR B 155 25.56 12.88 -23.22
C THR B 155 26.92 12.21 -23.04
N ILE B 156 27.87 12.54 -23.92
CA ILE B 156 29.21 11.97 -23.80
C ILE B 156 29.84 12.36 -22.47
N LEU B 157 29.72 13.64 -22.08
CA LEU B 157 30.31 14.07 -20.82
C LEU B 157 29.66 13.38 -19.63
N CYS B 158 28.33 13.34 -19.61
CA CYS B 158 27.65 12.71 -18.49
C CYS B 158 27.98 11.23 -18.38
N CYS B 159 28.00 10.53 -19.51
CA CYS B 159 28.33 9.10 -19.47
C CYS B 159 29.75 8.88 -18.97
N ALA B 160 30.70 9.74 -19.38
CA ALA B 160 32.05 9.59 -18.88
C ALA B 160 32.12 9.85 -17.38
N GLU B 161 31.45 10.89 -16.89
CA GLU B 161 31.44 11.16 -15.45
C GLU B 161 30.74 10.06 -14.66
N THR B 162 29.73 9.43 -15.26
CA THR B 162 29.01 8.35 -14.59
C THR B 162 29.84 7.07 -14.57
N ASN B 163 30.51 6.77 -15.68
CA ASN B 163 31.44 5.63 -15.70
C ASN B 163 32.59 5.83 -14.72
N LYS B 164 33.06 7.08 -14.58
CA LYS B 164 34.09 7.38 -13.58
C LYS B 164 33.57 7.10 -12.17
N CYS B 165 32.37 7.59 -11.86
CA CYS B 165 31.74 7.26 -10.58
C CYS B 165 31.67 5.75 -10.35
N ILE B 166 31.21 5.00 -11.34
CA ILE B 166 31.07 3.55 -11.16
C ILE B 166 32.42 2.92 -10.84
N ASN B 167 33.46 3.34 -11.56
CA ASN B 167 34.79 2.82 -11.30
C ASN B 167 35.30 3.26 -9.93
N ASP B 168 35.09 4.53 -9.59
CA ASP B 168 35.54 5.07 -8.31
C ASP B 168 34.91 4.31 -7.15
N CYS B 169 33.64 3.95 -7.28
CA CYS B 169 32.91 3.37 -6.15
C CYS B 169 32.97 1.85 -6.12
N LEU B 170 32.92 1.21 -7.28
CA LEU B 170 32.84 -0.25 -7.32
C LEU B 170 34.16 -0.91 -7.73
N GLY B 171 35.20 -0.14 -8.05
CA GLY B 171 36.46 -0.68 -8.49
C GLY B 171 37.41 -1.02 -7.37
N PRO B 172 38.62 -1.45 -7.73
CA PRO B 172 39.58 -1.94 -6.72
C PRO B 172 40.14 -0.87 -5.80
N GLU B 173 40.17 0.40 -6.22
CA GLU B 173 40.76 1.47 -5.42
C GLU B 173 39.64 2.47 -5.13
N PRO B 174 38.74 2.15 -4.20
CA PRO B 174 37.50 2.93 -4.11
C PRO B 174 37.77 4.32 -3.56
N ASN B 175 37.14 5.31 -4.20
CA ASN B 175 37.05 6.67 -3.69
C ASN B 175 35.59 7.10 -3.82
N TYR B 176 34.90 7.29 -2.70
CA TYR B 176 33.48 7.60 -2.70
C TYR B 176 33.18 9.09 -2.70
N THR B 177 34.20 9.92 -2.80
CA THR B 177 34.00 11.37 -2.75
C THR B 177 33.68 11.88 -4.15
N PRO B 178 32.51 12.44 -4.39
CA PRO B 178 32.22 13.00 -5.72
C PRO B 178 33.21 14.11 -6.05
N PRO B 179 33.72 14.15 -7.27
CA PRO B 179 34.54 15.29 -7.69
C PRO B 179 33.76 16.58 -7.55
N PRO B 180 34.40 17.68 -7.15
CA PRO B 180 33.69 18.96 -7.04
C PRO B 180 33.11 19.38 -8.38
N GLY B 181 31.94 20.00 -8.32
CA GLY B 181 31.26 20.38 -9.55
C GLY B 181 30.54 19.25 -10.24
N SER B 182 30.36 18.10 -9.57
CA SER B 182 29.66 16.99 -10.20
C SER B 182 28.21 17.35 -10.45
N ARG B 183 27.67 16.89 -11.56
CA ARG B 183 26.27 17.14 -11.82
C ARG B 183 25.42 16.33 -10.83
N GLY B 184 24.17 16.79 -10.67
CA GLY B 184 23.31 16.24 -9.62
C GLY B 184 23.10 14.74 -9.71
N THR B 185 22.83 14.23 -10.92
CA THR B 185 22.56 12.80 -11.07
C THR B 185 23.83 11.96 -11.06
N VAL B 186 25.01 12.57 -11.03
CA VAL B 186 26.24 11.84 -10.80
C VAL B 186 26.67 11.93 -9.34
N GLU B 187 26.59 13.14 -8.77
CA GLU B 187 26.90 13.33 -7.36
C GLU B 187 26.13 12.37 -6.47
N MET B 188 24.83 12.19 -6.75
CA MET B 188 23.98 11.37 -5.91
C MET B 188 24.32 9.90 -5.99
N LEU B 189 25.02 9.48 -7.05
CA LEU B 189 25.28 8.07 -7.27
C LEU B 189 26.41 7.55 -6.38
N TYR B 190 27.39 8.39 -6.04
CA TYR B 190 28.51 8.00 -5.19
C TYR B 190 28.07 7.33 -3.88
N PRO B 191 27.25 7.98 -3.03
CA PRO B 191 26.88 7.31 -1.76
C PRO B 191 25.98 6.10 -1.96
N ILE B 192 25.18 6.06 -3.02
CA ILE B 192 24.34 4.89 -3.27
C ILE B 192 25.20 3.68 -3.58
N LEU B 193 26.20 3.83 -4.45
CA LEU B 193 27.07 2.70 -4.77
C LEU B 193 27.94 2.33 -3.57
N ARG B 194 28.37 3.32 -2.78
CA ARG B 194 29.09 3.01 -1.55
C ARG B 194 28.24 2.12 -0.64
N ASP B 195 26.96 2.49 -0.46
CA ASP B 195 26.07 1.71 0.41
C ASP B 195 25.82 0.32 -0.16
N LEU B 196 25.53 0.24 -1.46
CA LEU B 196 25.31 -1.08 -2.06
C LEU B 196 26.54 -1.97 -1.92
N ARG B 197 27.72 -1.41 -2.20
CA ARG B 197 28.94 -2.21 -2.10
C ARG B 197 29.14 -2.74 -0.70
N ALA B 198 28.76 -1.94 0.32
CA ALA B 198 28.90 -2.40 1.70
C ALA B 198 28.06 -3.64 1.99
N GLY B 199 27.01 -3.89 1.19
CA GLY B 199 26.18 -5.07 1.37
C GLY B 199 26.37 -6.16 0.34
N LEU B 200 27.40 -6.08 -0.51
CA LEU B 200 27.66 -7.04 -1.57
C LEU B 200 29.03 -7.67 -1.39
N SER B 201 29.15 -8.97 -1.66
CA SER B 201 30.46 -9.58 -1.70
C SER B 201 31.24 -9.03 -2.91
N PRO B 202 32.56 -9.17 -2.90
CA PRO B 202 33.35 -8.76 -4.08
C PRO B 202 32.86 -9.40 -5.38
N VAL B 203 32.43 -10.67 -5.30
CA VAL B 203 31.91 -11.34 -6.49
C VAL B 203 30.72 -10.57 -7.07
N SER B 204 29.76 -10.21 -6.21
CA SER B 204 28.58 -9.49 -6.71
C SER B 204 28.93 -8.03 -7.05
N THR B 205 29.88 -7.43 -6.34
CA THR B 205 30.30 -6.08 -6.69
C THR B 205 30.87 -6.04 -8.10
N MET B 206 31.69 -7.03 -8.48
CA MET B 206 32.23 -7.06 -9.82
C MET B 206 31.13 -7.12 -10.86
N ARG B 207 30.08 -7.91 -10.61
CA ARG B 207 28.96 -7.99 -11.55
C ARG B 207 28.21 -6.67 -11.64
N LEU B 208 27.93 -6.05 -10.50
CA LEU B 208 27.22 -4.77 -10.51
C LEU B 208 28.01 -3.74 -11.30
N LYS B 209 29.32 -3.69 -11.10
CA LYS B 209 30.17 -2.73 -11.79
C LYS B 209 30.06 -2.90 -13.30
N GLN B 210 30.29 -4.11 -13.79
CA GLN B 210 30.22 -4.34 -15.23
C GLN B 210 28.83 -4.06 -15.78
N GLU B 211 27.79 -4.44 -15.03
CA GLU B 211 26.41 -4.24 -15.51
C GLU B 211 26.08 -2.75 -15.61
N LEU B 212 26.56 -1.94 -14.66
CA LEU B 212 26.30 -0.50 -14.74
C LEU B 212 27.09 0.16 -15.87
N HIS B 213 28.36 -0.20 -16.06
CA HIS B 213 29.09 0.25 -17.26
C HIS B 213 28.32 -0.08 -18.52
N ASP B 214 27.88 -1.34 -18.66
CA ASP B 214 27.14 -1.76 -19.84
C ASP B 214 25.88 -0.91 -20.03
N TYR B 215 25.15 -0.66 -18.94
CA TYR B 215 23.95 0.17 -19.06
C TYR B 215 24.32 1.59 -19.52
N VAL B 216 25.30 2.21 -18.88
CA VAL B 216 25.68 3.58 -19.26
C VAL B 216 26.19 3.61 -20.70
N ASN B 217 27.05 2.67 -21.07
CA ASN B 217 27.58 2.65 -22.43
C ASN B 217 26.49 2.37 -23.46
N GLY B 218 25.49 1.57 -23.12
CA GLY B 218 24.37 1.39 -24.02
C GLY B 218 23.61 2.68 -24.28
N VAL B 219 23.36 3.46 -23.23
CA VAL B 219 22.71 4.76 -23.38
C VAL B 219 23.57 5.68 -24.23
N LYS B 220 24.89 5.70 -23.99
CA LYS B 220 25.77 6.58 -24.75
C LYS B 220 25.74 6.23 -26.24
N ASN B 221 25.65 4.95 -26.55
CA ASN B 221 25.68 4.49 -27.93
C ASN B 221 24.31 4.52 -28.60
N GLN B 222 23.23 4.65 -27.83
CA GLN B 222 21.90 4.82 -28.43
C GLN B 222 21.69 6.29 -28.82
N HIS B 230 14.12 5.09 -41.96
CA HIS B 230 12.92 4.29 -41.72
C HIS B 230 12.75 3.86 -40.26
N LEU B 231 11.53 3.52 -39.87
CA LEU B 231 11.32 2.94 -38.55
C LEU B 231 12.05 1.61 -38.46
N PRO B 232 12.54 1.24 -37.29
CA PRO B 232 13.28 -0.02 -37.17
C PRO B 232 12.36 -1.21 -37.27
N ASN B 233 12.93 -2.32 -37.71
CA ASN B 233 12.21 -3.58 -37.69
C ASN B 233 11.89 -3.95 -36.23
N PRO B 234 10.71 -4.54 -35.96
CA PRO B 234 10.37 -4.83 -34.56
C PRO B 234 11.32 -5.79 -33.87
N TRP B 235 11.85 -6.78 -34.59
CA TRP B 235 12.75 -7.73 -33.96
C TRP B 235 14.10 -7.10 -33.68
N ASP B 236 14.55 -6.19 -34.55
CA ASP B 236 15.76 -5.43 -34.26
C ASP B 236 15.58 -4.54 -33.04
N HIS B 237 14.43 -3.85 -32.95
CA HIS B 237 14.14 -3.06 -31.77
C HIS B 237 14.16 -3.92 -30.51
N PHE B 238 13.50 -5.08 -30.57
CA PHE B 238 13.44 -5.97 -29.41
C PHE B 238 14.84 -6.40 -28.98
N GLN B 239 15.68 -6.80 -29.93
CA GLN B 239 17.03 -7.22 -29.58
C GLN B 239 17.84 -6.08 -29.01
N MET B 240 17.66 -4.87 -29.54
CA MET B 240 18.36 -3.70 -29.01
C MET B 240 18.07 -3.51 -27.53
N ARG B 241 16.79 -3.63 -27.15
CA ARG B 241 16.44 -3.46 -25.74
C ARG B 241 16.98 -4.61 -24.90
N VAL B 242 17.00 -5.83 -25.44
CA VAL B 242 17.60 -6.95 -24.72
C VAL B 242 19.06 -6.64 -24.40
N ASP B 243 19.80 -6.15 -25.39
CA ASP B 243 21.21 -5.81 -25.20
C ASP B 243 21.39 -4.65 -24.22
N ASP B 244 20.50 -3.65 -24.26
CA ASP B 244 20.74 -2.38 -23.59
C ASP B 244 19.91 -2.12 -22.34
N VAL B 245 18.72 -2.72 -22.19
CA VAL B 245 17.82 -2.33 -21.09
C VAL B 245 18.51 -2.50 -19.73
N GLY B 246 18.18 -1.62 -18.81
CA GLY B 246 18.92 -1.58 -17.57
C GLY B 246 18.31 -2.37 -16.44
N VAL B 247 17.90 -3.62 -16.69
CA VAL B 247 17.31 -4.43 -15.63
C VAL B 247 18.30 -5.35 -14.93
N ILE B 248 19.45 -5.64 -15.55
CA ILE B 248 20.42 -6.55 -14.93
C ILE B 248 20.89 -6.03 -13.57
N PRO B 249 21.25 -4.74 -13.40
CA PRO B 249 21.65 -4.29 -12.06
C PRO B 249 20.59 -4.55 -11.02
N SER B 250 19.32 -4.47 -11.37
CA SER B 250 18.26 -4.75 -10.41
C SER B 250 18.24 -6.23 -10.03
N ILE B 251 18.59 -7.13 -10.95
CA ILE B 251 18.71 -8.56 -10.59
C ILE B 251 19.86 -8.75 -9.61
N THR B 252 21.01 -8.16 -9.92
CA THR B 252 22.16 -8.28 -9.03
C THR B 252 21.88 -7.68 -7.65
N GLN B 253 21.08 -6.60 -7.60
CA GLN B 253 20.77 -6.00 -6.31
C GLN B 253 19.88 -6.88 -5.44
N ASN B 254 19.26 -7.94 -5.99
CA ASN B 254 18.64 -8.92 -5.10
C ASN B 254 19.67 -9.58 -4.19
N GLU B 255 20.94 -9.63 -4.62
CA GLU B 255 22.00 -10.16 -3.77
C GLU B 255 22.29 -9.20 -2.61
N TYR B 256 22.13 -7.89 -2.83
CA TYR B 256 22.17 -6.95 -1.71
C TYR B 256 20.93 -7.11 -0.83
N ALA B 257 19.75 -7.15 -1.46
CA ALA B 257 18.48 -7.17 -0.72
C ALA B 257 18.39 -8.39 0.20
N MET B 258 18.82 -9.56 -0.26
CA MET B 258 18.69 -10.80 0.49
C MET B 258 20.02 -11.28 1.06
N ASP B 259 21.09 -10.49 0.92
CA ASP B 259 22.39 -10.75 1.56
C ASP B 259 22.92 -12.16 1.26
N PHE B 260 23.20 -12.40 -0.02
CA PHE B 260 23.78 -13.67 -0.43
C PHE B 260 24.56 -13.42 -1.72
N THR B 261 25.33 -14.43 -2.13
CA THR B 261 26.13 -14.35 -3.35
C THR B 261 25.88 -15.61 -4.17
N LEU B 262 25.38 -15.43 -5.39
CA LEU B 262 25.34 -16.57 -6.32
C LEU B 262 26.73 -16.81 -6.89
N PRO B 263 27.26 -18.04 -6.83
CA PRO B 263 28.61 -18.28 -7.36
C PRO B 263 28.62 -18.05 -8.87
N ASP B 264 29.75 -17.53 -9.37
CA ASP B 264 29.88 -17.24 -10.80
C ASP B 264 29.63 -18.48 -11.66
N TRP B 265 30.07 -19.66 -11.21
CA TRP B 265 29.91 -20.83 -12.05
C TRP B 265 28.44 -21.17 -12.27
N ILE B 266 27.58 -20.82 -11.33
CA ILE B 266 26.14 -20.98 -11.54
C ILE B 266 25.58 -19.82 -12.35
N ARG B 267 26.03 -18.60 -12.06
CA ARG B 267 25.61 -17.44 -12.84
C ARG B 267 25.86 -17.63 -14.34
N ARG B 268 26.94 -18.32 -14.72
CA ARG B 268 27.31 -18.52 -16.13
C ARG B 268 26.79 -19.83 -16.70
N HIS B 269 26.16 -20.68 -15.89
CA HIS B 269 25.53 -21.89 -16.40
C HIS B 269 24.47 -21.52 -17.44
N GLU B 270 24.36 -22.33 -18.50
CA GLU B 270 23.46 -22.01 -19.61
C GLU B 270 22.03 -21.79 -19.12
N ALA B 271 21.57 -22.57 -18.13
CA ALA B 271 20.18 -22.47 -17.69
C ALA B 271 19.94 -21.22 -16.85
N MET B 272 20.92 -20.77 -16.08
CA MET B 272 20.76 -19.50 -15.37
C MET B 272 20.87 -18.33 -16.31
N GLU B 273 21.79 -18.41 -17.29
CA GLU B 273 21.84 -17.35 -18.30
C GLU B 273 20.53 -17.27 -19.06
N GLU B 274 19.92 -18.42 -19.35
CA GLU B 274 18.64 -18.43 -20.02
C GLU B 274 17.54 -17.83 -19.14
N ILE B 275 17.56 -18.10 -17.84
CA ILE B 275 16.54 -17.52 -16.97
C ILE B 275 16.68 -16.00 -16.91
N VAL B 276 17.91 -15.50 -16.76
CA VAL B 276 18.13 -14.05 -16.78
C VAL B 276 17.65 -13.46 -18.10
N LEU B 277 18.02 -14.08 -19.22
CA LEU B 277 17.61 -13.60 -20.53
C LEU B 277 16.09 -13.63 -20.71
N GLN B 278 15.43 -14.71 -20.27
CA GLN B 278 13.98 -14.76 -20.47
C GLN B 278 13.26 -13.72 -19.61
N CYS B 279 13.69 -13.54 -18.35
CA CYS B 279 13.08 -12.52 -17.51
C CYS B 279 13.35 -11.12 -18.03
N THR B 280 14.51 -10.91 -18.66
CA THR B 280 14.76 -9.64 -19.34
C THR B 280 13.77 -9.47 -20.50
N LYS B 281 13.58 -10.52 -21.29
CA LYS B 281 12.64 -10.42 -22.42
C LYS B 281 11.21 -10.23 -21.94
N LEU B 282 10.80 -10.94 -20.88
CA LEU B 282 9.45 -10.77 -20.36
C LEU B 282 9.24 -9.33 -19.90
N THR B 283 10.21 -8.79 -19.16
CA THR B 283 10.05 -7.42 -18.66
C THR B 283 9.89 -6.43 -19.80
N ILE B 284 10.69 -6.58 -20.86
CA ILE B 284 10.61 -5.69 -22.02
C ILE B 284 9.25 -5.81 -22.69
N LEU B 285 8.80 -7.04 -22.93
CA LEU B 285 7.54 -7.26 -23.64
C LEU B 285 6.37 -6.62 -22.90
N LEU B 286 6.26 -6.85 -21.59
CA LEU B 286 5.15 -6.24 -20.87
C LEU B 286 5.30 -4.73 -20.78
N ASN B 287 6.54 -4.25 -20.72
CA ASN B 287 6.75 -2.80 -20.74
C ASN B 287 6.28 -2.19 -22.07
N GLU B 288 6.49 -2.91 -23.17
CA GLU B 288 6.06 -2.39 -24.47
C GLU B 288 4.56 -2.14 -24.49
N ILE B 289 3.77 -3.08 -23.96
CA ILE B 289 2.33 -2.89 -23.87
C ILE B 289 1.99 -1.79 -22.87
N LEU B 290 2.56 -1.88 -21.66
CA LEU B 290 2.10 -0.98 -20.60
C LEU B 290 2.51 0.47 -20.86
N SER B 291 3.59 0.69 -21.61
CA SER B 291 4.04 2.05 -21.90
C SER B 291 3.54 2.59 -23.23
N LEU B 292 2.71 1.81 -23.93
CA LEU B 292 2.27 2.21 -25.27
C LEU B 292 1.58 3.58 -25.25
N GLN B 293 0.62 3.77 -24.33
CA GLN B 293 -0.12 5.03 -24.26
C GLN B 293 0.81 6.20 -23.94
N LYS B 294 1.68 6.03 -22.95
CA LYS B 294 2.65 7.06 -22.59
C LYS B 294 3.52 7.44 -23.78
N GLU B 295 4.06 6.45 -24.49
CA GLU B 295 5.00 6.74 -25.57
C GLU B 295 4.29 7.30 -26.80
N PHE B 296 3.13 6.77 -27.15
CA PHE B 296 2.41 7.27 -28.31
C PHE B 296 2.05 8.74 -28.16
N ARG B 297 1.68 9.16 -26.94
CA ARG B 297 1.23 10.53 -26.72
C ARG B 297 2.34 11.56 -26.88
N VAL B 298 3.60 11.18 -26.74
CA VAL B 298 4.70 12.08 -27.06
C VAL B 298 5.38 11.71 -28.37
N SER B 299 4.69 10.93 -29.21
CA SER B 299 5.17 10.57 -30.55
C SER B 299 6.52 9.84 -30.49
N GLN B 300 6.68 8.99 -29.49
CA GLN B 300 7.82 8.06 -29.46
C GLN B 300 7.34 6.76 -30.10
N LEU B 301 7.50 6.66 -31.42
CA LEU B 301 6.84 5.61 -32.18
C LEU B 301 7.64 4.32 -32.25
N GLU B 302 8.85 4.27 -31.71
CA GLU B 302 9.62 3.03 -31.68
C GLU B 302 9.23 2.18 -30.46
N ASN B 303 7.93 1.92 -30.36
CA ASN B 303 7.36 0.99 -29.40
C ASN B 303 7.05 -0.29 -30.15
N LEU B 304 7.38 -1.44 -29.54
CA LEU B 304 7.31 -2.71 -30.25
C LEU B 304 5.94 -2.94 -30.88
N CYS B 305 4.87 -2.60 -30.15
CA CYS B 305 3.52 -2.74 -30.69
C CYS B 305 3.37 -1.94 -31.98
N LEU B 306 3.86 -0.70 -31.97
CA LEU B 306 3.75 0.16 -33.14
C LEU B 306 4.61 -0.36 -34.29
N LEU B 307 5.75 -0.98 -33.97
CA LEU B 307 6.62 -1.51 -35.01
C LEU B 307 6.05 -2.78 -35.64
N PHE B 308 5.37 -3.62 -34.87
CA PHE B 308 4.64 -4.74 -35.46
C PHE B 308 3.56 -4.24 -36.40
N MET B 309 2.86 -3.17 -36.00
CA MET B 309 1.88 -2.54 -36.89
C MET B 309 2.52 -2.15 -38.21
N ASN B 310 3.67 -1.48 -38.12
CA ASN B 310 4.31 -0.93 -39.31
C ASN B 310 4.84 -2.04 -40.21
N THR B 311 5.53 -3.02 -39.63
CA THR B 311 6.21 -4.00 -40.45
C THR B 311 5.26 -5.04 -41.04
N TYR B 312 4.21 -5.42 -40.31
CA TYR B 312 3.33 -6.48 -40.76
C TYR B 312 1.94 -5.99 -41.14
N ASP B 313 1.72 -4.68 -41.11
CA ASP B 313 0.44 -4.09 -41.47
C ASP B 313 -0.68 -4.67 -40.61
N MET B 314 -0.41 -4.89 -39.34
CA MET B 314 -1.45 -5.39 -38.46
C MET B 314 -2.06 -4.25 -37.65
N SER B 315 -3.25 -4.50 -37.12
CA SER B 315 -3.92 -3.53 -36.28
C SER B 315 -3.21 -3.41 -34.94
N ILE B 316 -3.45 -2.30 -34.24
CA ILE B 316 -2.89 -2.12 -32.90
C ILE B 316 -3.35 -3.25 -31.99
N GLU B 317 -4.61 -3.69 -32.15
CA GLU B 317 -5.12 -4.79 -31.35
C GLU B 317 -4.37 -6.09 -31.63
N GLN B 318 -4.16 -6.39 -32.92
CA GLN B 318 -3.39 -7.59 -33.28
C GLN B 318 -1.97 -7.53 -32.74
N SER B 319 -1.33 -6.35 -32.78
CA SER B 319 0.07 -6.30 -32.36
C SER B 319 0.19 -6.50 -30.84
N ILE B 320 -0.75 -5.95 -30.07
CA ILE B 320 -0.75 -6.22 -28.64
C ILE B 320 -1.00 -7.69 -28.36
N HIS B 321 -1.95 -8.29 -29.08
CA HIS B 321 -2.17 -9.73 -28.99
C HIS B 321 -0.88 -10.49 -29.32
N LYS B 322 -0.12 -10.03 -30.31
CA LYS B 322 1.14 -10.69 -30.64
C LYS B 322 2.11 -10.63 -29.48
N VAL B 323 2.25 -9.44 -28.89
CA VAL B 323 3.17 -9.28 -27.76
C VAL B 323 2.75 -10.17 -26.59
N LEU B 324 1.45 -10.24 -26.31
CA LEU B 324 0.96 -11.11 -25.23
C LEU B 324 1.34 -12.57 -25.50
N GLY B 325 1.21 -13.01 -26.74
CA GLY B 325 1.62 -14.36 -27.08
C GLY B 325 3.10 -14.59 -26.86
N LEU B 326 3.93 -13.60 -27.22
CA LEU B 326 5.36 -13.73 -26.96
C LEU B 326 5.65 -13.82 -25.47
N LEU B 327 4.94 -13.03 -24.65
CA LEU B 327 5.08 -13.14 -23.21
C LEU B 327 4.85 -14.57 -22.75
N LYS B 328 3.78 -15.20 -23.24
CA LYS B 328 3.49 -16.58 -22.86
C LYS B 328 4.60 -17.52 -23.31
N ASP B 329 5.10 -17.35 -24.53
CA ASP B 329 6.17 -18.22 -25.03
C ASP B 329 7.37 -18.16 -24.10
N HIS B 330 7.81 -16.94 -23.76
CA HIS B 330 9.07 -16.81 -23.04
C HIS B 330 8.93 -17.21 -21.58
N TYR B 331 7.74 -17.01 -20.99
CA TYR B 331 7.48 -17.56 -19.66
C TYR B 331 7.67 -19.06 -19.63
N LYS B 332 7.15 -19.76 -20.65
CA LYS B 332 7.29 -21.21 -20.73
C LYS B 332 8.75 -21.63 -20.87
N ILE B 333 9.50 -20.94 -21.75
CA ILE B 333 10.93 -21.22 -21.85
C ILE B 333 11.61 -21.00 -20.50
N CYS B 334 11.26 -19.92 -19.81
CA CYS B 334 11.92 -19.63 -18.53
C CYS B 334 11.67 -20.74 -17.51
N ILE B 335 10.39 -21.16 -17.38
CA ILE B 335 10.03 -22.23 -16.45
C ILE B 335 10.77 -23.52 -16.78
N GLU B 336 10.88 -23.84 -18.07
CA GLU B 336 11.54 -25.09 -18.44
C GLU B 336 13.03 -25.04 -18.13
N ALA B 337 13.62 -23.85 -18.17
CA ALA B 337 15.05 -23.73 -17.87
C ALA B 337 15.35 -24.12 -16.42
N GLU B 338 14.39 -23.98 -15.51
CA GLU B 338 14.65 -24.25 -14.09
C GLU B 338 15.10 -25.68 -13.87
N ALA B 339 14.50 -26.63 -14.59
CA ALA B 339 14.87 -28.03 -14.39
C ALA B 339 16.29 -28.32 -14.84
N ARG B 340 16.90 -27.44 -15.64
CA ARG B 340 18.26 -27.66 -16.11
C ARG B 340 19.31 -27.02 -15.22
N LEU B 341 18.91 -26.26 -14.20
CA LEU B 341 19.88 -25.60 -13.33
C LEU B 341 20.72 -26.64 -12.58
N PRO B 342 21.95 -26.31 -12.22
CA PRO B 342 22.78 -27.22 -11.41
C PRO B 342 22.40 -27.21 -9.93
N TRP B 343 21.16 -27.59 -9.65
CA TRP B 343 20.73 -27.77 -8.27
C TRP B 343 21.62 -28.77 -7.55
N SER B 344 21.88 -28.52 -6.27
CA SER B 344 22.69 -29.43 -5.48
C SER B 344 21.84 -30.58 -4.95
N THR B 345 22.47 -31.75 -4.81
CA THR B 345 21.82 -32.90 -4.20
C THR B 345 21.82 -32.82 -2.67
N THR B 346 22.69 -32.00 -2.09
CA THR B 346 22.94 -32.03 -0.65
C THR B 346 22.89 -30.66 0.01
N ASP B 347 23.22 -29.60 -0.73
CA ASP B 347 23.57 -28.31 -0.12
C ASP B 347 22.34 -27.41 -0.07
N GLU B 348 21.72 -27.34 1.11
CA GLU B 348 20.50 -26.54 1.29
C GLU B 348 20.76 -25.04 1.10
N LYS B 349 21.86 -24.52 1.65
CA LYS B 349 22.13 -23.09 1.51
C LYS B 349 22.37 -22.73 0.05
N LEU B 350 23.13 -23.56 -0.65
CA LEU B 350 23.37 -23.32 -2.08
C LEU B 350 22.06 -23.32 -2.86
N ASN B 351 21.21 -24.33 -2.63
CA ASN B 351 19.95 -24.37 -3.33
C ASN B 351 19.05 -23.19 -2.96
N ASN B 352 19.09 -22.76 -1.69
CA ASN B 352 18.35 -21.56 -1.31
C ASN B 352 18.86 -20.32 -2.04
N ASN B 353 20.16 -20.27 -2.32
CA ASN B 353 20.73 -19.16 -3.07
C ASN B 353 20.29 -19.21 -4.53
N ILE B 354 20.24 -20.41 -5.12
CA ILE B 354 19.76 -20.52 -6.50
C ILE B 354 18.29 -20.11 -6.57
N ARG B 355 17.46 -20.64 -5.66
CA ARG B 355 16.05 -20.28 -5.64
C ARG B 355 15.86 -18.78 -5.53
N GLU B 356 16.58 -18.15 -4.59
CA GLU B 356 16.39 -16.71 -4.39
C GLU B 356 16.82 -15.92 -5.61
N TYR B 357 17.90 -16.36 -6.28
CA TYR B 357 18.37 -15.63 -7.46
C TYR B 357 17.35 -15.69 -8.59
N ILE B 358 16.76 -16.86 -8.83
CA ILE B 358 15.77 -16.93 -9.91
C ILE B 358 14.48 -16.22 -9.51
N ARG B 359 14.13 -16.21 -8.22
CA ARG B 359 12.95 -15.44 -7.80
C ARG B 359 13.18 -13.95 -8.05
N GLY B 360 14.40 -13.47 -7.80
CA GLY B 360 14.75 -12.10 -8.16
C GLY B 360 14.55 -11.83 -9.65
N CYS B 361 14.98 -12.77 -10.50
CA CYS B 361 14.79 -12.60 -11.94
C CYS B 361 13.30 -12.55 -12.28
N GLN B 362 12.52 -13.45 -11.70
CA GLN B 362 11.10 -13.51 -12.02
C GLN B 362 10.39 -12.26 -11.52
N ARG B 363 10.84 -11.73 -10.38
CA ARG B 363 10.22 -10.53 -9.81
C ARG B 363 10.54 -9.29 -10.62
N LEU B 364 11.63 -9.29 -11.39
CA LEU B 364 11.82 -8.20 -12.34
C LEU B 364 10.65 -8.11 -13.30
N ALA B 365 10.19 -9.26 -13.81
CA ALA B 365 9.08 -9.25 -14.77
C ALA B 365 7.75 -9.02 -14.08
N THR B 366 7.39 -9.86 -13.10
CA THR B 366 6.10 -9.68 -12.44
C THR B 366 6.04 -8.34 -11.73
N GLY B 367 7.17 -7.91 -11.15
CA GLY B 367 7.16 -6.72 -10.33
C GLY B 367 7.04 -5.46 -11.15
N THR B 368 7.69 -5.44 -12.32
CA THR B 368 7.50 -4.31 -13.22
C THR B 368 6.03 -4.18 -13.63
N ALA B 369 5.37 -5.30 -13.92
CA ALA B 369 3.96 -5.22 -14.25
C ALA B 369 3.14 -4.80 -13.04
N CYS B 370 3.39 -5.43 -11.88
CA CYS B 370 2.62 -5.09 -10.69
C CYS B 370 2.79 -3.62 -10.32
N TRP B 371 4.02 -3.12 -10.38
CA TRP B 371 4.26 -1.69 -10.10
C TRP B 371 3.53 -0.81 -11.11
N SER B 372 3.54 -1.19 -12.40
CA SER B 372 2.87 -0.37 -13.41
C SER B 372 1.37 -0.27 -13.13
N TYR B 373 0.78 -1.33 -12.58
CA TYR B 373 -0.63 -1.35 -12.19
C TYR B 373 -0.91 -0.59 -10.89
N ASN B 374 0.12 0.00 -10.28
CA ASN B 374 -0.05 0.59 -8.96
C ASN B 374 0.62 1.96 -8.85
N CYS B 375 0.92 2.60 -9.97
CA CYS B 375 1.40 3.98 -9.99
C CYS B 375 0.85 4.62 -11.25
N GLU B 376 1.16 5.89 -11.46
CA GLU B 376 0.59 6.60 -12.59
C GLU B 376 1.65 7.05 -13.57
N ARG B 377 2.75 6.32 -13.64
CA ARG B 377 3.78 6.63 -14.64
C ARG B 377 3.27 6.41 -16.06
N TYR B 378 2.42 5.41 -16.29
CA TYR B 378 2.09 4.99 -17.65
C TYR B 378 0.67 5.33 -18.08
N PHE B 379 -0.26 5.44 -17.15
CA PHE B 379 -1.65 5.74 -17.47
C PHE B 379 -2.31 6.22 -16.21
N LYS B 380 -3.50 6.80 -16.36
CA LYS B 380 -4.34 7.06 -15.19
C LYS B 380 -4.84 5.74 -14.62
N LEU B 381 -4.80 5.61 -13.30
CA LEU B 381 -5.23 4.36 -12.69
C LEU B 381 -6.74 4.16 -12.82
N SER B 382 -7.49 5.23 -13.08
CA SER B 382 -8.90 5.06 -13.42
C SER B 382 -9.10 4.23 -14.68
N GLN B 383 -8.08 4.08 -15.52
CA GLN B 383 -8.21 3.22 -16.70
C GLN B 383 -8.15 1.73 -16.37
N LEU B 384 -7.87 1.38 -15.11
CA LEU B 384 -7.77 0.00 -14.63
C LEU B 384 -9.03 -0.39 -13.88
N ASN B 385 -9.58 -1.58 -14.15
CA ASN B 385 -10.74 -2.04 -13.41
C ASN B 385 -10.30 -3.01 -12.31
N ASP B 386 -11.28 -3.52 -11.55
CA ASP B 386 -10.92 -4.32 -10.38
C ASP B 386 -10.60 -5.76 -10.75
N GLN B 387 -10.53 -6.08 -12.04
CA GLN B 387 -9.91 -7.31 -12.53
C GLN B 387 -8.51 -7.04 -13.10
N GLN B 388 -7.95 -5.85 -12.90
CA GLN B 388 -6.65 -5.46 -13.44
C GLN B 388 -6.63 -5.51 -14.96
N GLU B 389 -7.77 -5.24 -15.60
CA GLU B 389 -7.84 -5.07 -17.04
C GLU B 389 -7.69 -3.59 -17.36
N LEU B 390 -6.74 -3.29 -18.25
CA LEU B 390 -6.37 -1.92 -18.57
C LEU B 390 -7.02 -1.51 -19.89
N LEU B 391 -7.73 -0.40 -19.89
CA LEU B 391 -8.28 0.14 -21.15
C LEU B 391 -7.34 1.23 -21.63
N LEU B 392 -6.38 0.85 -22.48
CA LEU B 392 -5.49 1.81 -23.10
C LEU B 392 -6.31 2.75 -23.97
N ASP B 393 -5.85 4.00 -24.04
CA ASP B 393 -6.59 5.05 -24.77
C ASP B 393 -5.54 5.91 -25.46
N LEU B 394 -5.38 5.71 -26.77
CA LEU B 394 -4.37 6.41 -27.53
C LEU B 394 -4.89 7.72 -28.10
N SER B 395 -5.90 8.31 -27.47
CA SER B 395 -6.20 9.71 -27.67
C SER B 395 -4.97 10.56 -27.38
N ARG B 396 -4.90 11.72 -28.01
CA ARG B 396 -3.84 12.68 -27.72
C ARG B 396 -4.19 14.06 -28.23
C1 FAR C . -12.75 0.30 19.07
C2 FAR C . -14.12 0.64 18.55
C3 FAR C . -14.33 1.87 18.09
C5 FAR C . -15.68 2.22 17.53
C6 FAR C . -15.43 2.53 16.05
C7 FAR C . -14.60 1.41 15.46
C8 FAR C . -14.80 0.90 14.25
C9 FAR C . -13.93 -0.22 13.76
C11 FAR C . -13.51 -1.05 14.97
C12 FAR C . -14.45 -2.22 15.10
C13 FAR C . -14.45 -3.01 16.18
C14 FAR C . -15.41 -4.14 16.19
C15 FAR C . -13.54 -2.73 17.33
C4 FAR C . -13.22 2.87 18.14
C10 FAR C . -15.90 1.44 13.39
P1 POP D . -15.71 -1.86 22.54
P1 POP D . -15.65 -4.31 22.67
O1 POP D . -16.39 -2.53 23.71
O1 POP D . -14.22 -4.47 22.22
O2 POP D . -16.66 -1.67 21.39
O2 POP D . -15.68 -3.92 24.13
O3 POP D . -15.20 -0.51 22.98
O3 POP D . -16.42 -5.59 22.44
O POP D . -14.46 -2.81 22.13
O POP D . -16.42 -3.14 21.86
P2 POP D . -12.94 -2.28 21.99
P2 POP D . -15.68 -1.82 21.32
O4 POP D . -12.93 -0.80 21.76
O4 POP D . -16.67 -1.15 20.39
O5 POP D . -12.32 -3.05 20.85
O5 POP D . -14.42 -2.19 20.59
O6 POP D . -12.17 -2.51 23.26
O6 POP D . -15.34 -0.87 22.45
C1 MLI E . -6.58 25.11 4.20
C2 MLI E . -7.90 24.73 4.82
C3 MLI E . -6.75 26.45 3.48
O6 MLI E . -8.90 24.57 4.08
O7 MLI E . -7.98 24.60 6.06
O8 MLI E . -7.38 26.48 2.42
O9 MLI E . -6.24 27.46 4.02
C1 MLI F . -28.52 14.70 18.33
C2 MLI F . -29.61 13.75 17.93
C3 MLI F . -27.24 13.91 18.46
O6 MLI F . -30.39 14.10 17.02
O7 MLI F . -29.66 12.66 18.56
O8 MLI F . -26.79 13.65 19.60
O9 MLI F . -26.71 13.53 17.39
C1 GOL G . -24.31 -4.00 19.00
O1 GOL G . -23.20 -3.14 18.71
C2 GOL G . -23.86 -5.11 19.94
O2 GOL G . -24.54 -5.00 21.20
C3 GOL G . -24.23 -6.46 19.32
O3 GOL G . -23.80 -7.51 20.20
C1 MLI H . -13.51 14.55 -4.38
C2 MLI H . -13.60 15.55 -3.24
C3 MLI H . -14.79 14.38 -5.18
O6 MLI H . -14.60 15.53 -2.49
O7 MLI H . -12.65 16.36 -3.10
O8 MLI H . -15.79 15.06 -4.89
O9 MLI H . -14.78 13.53 -6.13
MG MG I . -13.42 -0.36 24.20
C1 FPP J . 11.72 1.24 -19.09
O1 FPP J . 11.33 1.24 -20.48
C2 FPP J . 11.97 -0.16 -18.59
C3 FPP J . 11.40 -0.64 -17.46
C4 FPP J . 10.44 0.17 -16.65
C5 FPP J . 11.73 -2.05 -17.00
C6 FPP J . 12.42 -2.00 -15.64
C7 FPP J . 13.81 -1.35 -15.73
C8 FPP J . 14.25 -0.57 -14.73
C10 FPP J . 13.40 -0.34 -13.52
C9 FPP J . 15.62 0.09 -14.76
C11 FPP J . 15.83 0.95 -16.00
C12 FPP J . 14.68 1.89 -16.29
C13 FPP J . 14.93 3.15 -16.72
C14 FPP J . 16.34 3.63 -16.90
C15 FPP J . 13.81 4.09 -17.03
PA FPP J . 11.61 2.50 -21.44
O1A FPP J . 13.07 2.87 -21.41
O2A FPP J . 10.98 2.22 -22.80
O3A FPP J . 10.86 3.70 -20.69
PB FPP J . 9.32 3.63 -20.22
O1B FPP J . 8.71 2.40 -20.85
O2B FPP J . 8.76 4.89 -20.84
O3B FPP J . 9.42 3.57 -18.71
C1 MLI K . 14.43 -26.67 -6.89
C2 MLI K . 13.95 -27.87 -6.12
C3 MLI K . 13.42 -25.58 -6.65
O6 MLI K . 14.12 -27.86 -4.87
O7 MLI K . 13.39 -28.80 -6.73
O8 MLI K . 12.61 -25.31 -7.56
O9 MLI K . 13.40 -25.00 -5.53
C1 MLI L . -16.95 4.18 -26.19
C2 MLI L . -16.17 4.11 -27.47
C3 MLI L . -16.74 5.55 -25.62
O6 MLI L . -16.77 3.82 -28.53
O7 MLI L . -14.95 4.35 -27.43
O8 MLI L . -17.41 6.50 -26.11
O9 MLI L . -15.91 5.71 -24.69
C1 GOL M . 34.81 12.83 -17.21
O1 GOL M . 35.20 12.31 -15.93
C2 GOL M . 35.74 13.97 -17.60
O2 GOL M . 36.63 13.52 -18.63
C3 GOL M . 34.91 15.12 -18.13
O3 GOL M . 34.41 15.86 -17.00
C1 GOL N . 33.07 -10.99 -13.80
O1 GOL N . 31.67 -11.08 -13.55
C2 GOL N . 33.45 -9.52 -13.71
O2 GOL N . 32.33 -8.74 -14.14
C3 GOL N . 34.67 -9.23 -14.57
O3 GOL N . 34.60 -7.87 -15.03
C1 GOL O . 7.25 9.17 -13.10
O1 GOL O . 7.82 7.85 -13.23
C2 GOL O . 7.45 9.94 -14.41
O2 GOL O . 6.21 10.53 -14.80
C3 GOL O . 8.48 11.03 -14.21
O3 GOL O . 8.43 11.94 -15.33
MG MG P . 8.73 1.54 -22.88
#